data_8D3K
#
_entry.id   8D3K
#
_cell.length_a   91.389
_cell.length_b   115.024
_cell.length_c   124.121
_cell.angle_alpha   90.000
_cell.angle_beta   90.000
_cell.angle_gamma   90.000
#
_symmetry.space_group_name_H-M   'P 21 21 21'
#
loop_
_entity.id
_entity.type
_entity.pdbx_description
1 polymer 'Apoptosis-inducing factor 1, mitochondrial'
2 polymer 'Apoptosis-inducing factor 1, mitochondrial'
3 non-polymer 8-fluoro-2-methylquinolin-4-amine
4 non-polymer 1,2-ETHANEDIOL
5 non-polymer 'FLAVIN-ADENINE DINUCLEOTIDE'
6 non-polymer 'SULFATE ION'
7 water water
#
loop_
_entity_poly.entity_id
_entity_poly.type
_entity_poly.pdbx_seq_one_letter_code
_entity_poly.pdbx_strand_id
1 'polypeptide(L)'
;MVGAGAYAYKTMKEDEKRYNERISGLGLTPEQKQKKAALSASEGEEVPQDKAPSHVPFLLIGGGTAAFAAARSIRARDPG
ARVLIVSEDPELPYMRPPLSKELWFSDDPNVTKTLRFKQWNGKERSIYFQPPSFYVSAQDLPHIENGGVAVLTGKKVVQL
DVRDNMVKLNDGSQITYEK(CSX)LIATGGTPRSLSAIDRAGAEVKSRTTLFRKIGDFRSLEKISREVKSITIIGGGFLG
SELACALGRKARALGTEVIQLFPEKGNMGKILPEYLSNWTMEKVRREGVKVMPNAIVQSVGVSSGKLLIKLKDGRKVETD
HIVAAVGLEPNVELAKTGGLEIDSDFGGFRVNAELQARSNIWVAGDAA(CSX)FYDIKLGRRRVEHHDHAVVSGRLAGEN
MTGAAKPYWHQSMFWSDLGPDVGYEAIGLVDSSLPTVGVFAKATAQDNPKSATEQSGTGIRSESETESEASEITIPPSTP
AVPQAPVQGEDYGKGVIFYLRDKVVVGIVLWNIFNRMPIARKIIKDGEQHEDLNEVAKLFNIHEDLEVLFQ
;
A
2 'polypeptide(L)'
;MVGAGAYAYKTMKEDEKRYNERISGLGLTPEQKQKKAALSASEGEEVPQDKAPSHVPFLLIGGGTAAFAAARSIRARDPG
ARVLIVSEDPELPYMRPPLSKELWFSDDPNVTKTLRFKQWNGKERSIYFQPPSFYVSAQDLPHIENGGVAVLTGKKVVQL
DVRDNMVKLNDGSQITYEKCLIATGGTPRSLSAIDRAGAEVKSRTTLFRKIGDFRSLEKISREVKSITIIGGGFLGSELA
CALGRKARALGTEVIQLFPEKGNMGKILPEYLSNWTMEKVRREGVKVMPNAIVQSVGVSSGKLLIKLKDGRKVETDHIVA
AVGLEPNVELAKTGGLEIDSDFGGFRVNAELQARSNIWVAGDAA(CSX)FYDIKLGRRRVEHHDHAVVSGRLAGENMTGA
AKPYWHQSMFWSDLGPDVGYEAIGLVDSSLPTVGVFAKATAQDNPKSATEQSGTGIRSESETESEASEITIPPSTPAVPQ
APVQGEDYGKGVIFYLRDKVVVGIVLWNIFNRMPIARKIIKDGEQHEDLNEVAKLFNIHEDLEVLFQ
;
B
#
loop_
_chem_comp.id
_chem_comp.type
_chem_comp.name
_chem_comp.formula
EDO non-polymer 1,2-ETHANEDIOL 'C2 H6 O2'
FAD non-polymer 'FLAVIN-ADENINE DINUCLEOTIDE' 'C27 H33 N9 O15 P2'
QC6 non-polymer 8-fluoro-2-methylquinolin-4-amine 'C10 H9 F N2'
SO4 non-polymer 'SULFATE ION' 'O4 S -2'
#
# COMPACT_ATOMS: atom_id res chain seq x y z
N LYS A 51 -8.39 33.59 16.73
CA LYS A 51 -7.10 33.70 16.09
C LYS A 51 -7.10 32.99 14.73
N ALA A 52 -7.53 31.74 14.73
CA ALA A 52 -7.45 30.91 13.53
C ALA A 52 -8.49 31.37 12.51
N PRO A 53 -8.09 31.59 11.25
CA PRO A 53 -9.09 31.89 10.22
C PRO A 53 -9.94 30.67 9.92
N SER A 54 -11.09 30.91 9.31
CA SER A 54 -12.01 29.83 8.99
C SER A 54 -11.62 29.08 7.72
N HIS A 55 -10.89 29.72 6.81
CA HIS A 55 -10.41 29.05 5.61
C HIS A 55 -8.98 29.47 5.31
N VAL A 56 -8.19 28.52 4.83
CA VAL A 56 -6.80 28.78 4.42
C VAL A 56 -6.51 27.96 3.17
N PRO A 57 -5.81 28.51 2.17
CA PRO A 57 -5.49 27.69 0.98
C PRO A 57 -4.62 26.49 1.30
N PHE A 58 -3.53 26.68 2.05
CA PHE A 58 -2.58 25.61 2.38
C PHE A 58 -2.57 25.45 3.89
N LEU A 59 -2.90 24.24 4.36
CA LEU A 59 -2.91 23.91 5.77
C LEU A 59 -1.91 22.80 6.03
N LEU A 60 -0.95 23.06 6.91
CA LEU A 60 0.07 22.08 7.28
C LEU A 60 -0.16 21.67 8.73
N ILE A 61 -0.33 20.37 8.95
CA ILE A 61 -0.62 19.83 10.28
C ILE A 61 0.71 19.37 10.90
N GLY A 62 1.12 20.02 11.96
CA GLY A 62 2.41 19.76 12.57
C GLY A 62 3.36 20.90 12.26
N GLY A 63 4.12 21.32 13.25
CA GLY A 63 4.98 22.47 13.12
C GLY A 63 6.45 22.13 13.25
N GLY A 64 6.90 21.13 12.51
CA GLY A 64 8.28 20.69 12.59
C GLY A 64 9.05 20.89 11.30
N THR A 65 10.08 20.07 11.10
CA THR A 65 10.99 20.24 9.98
C THR A 65 10.26 20.06 8.65
N ALA A 66 9.45 19.01 8.53
CA ALA A 66 8.78 18.75 7.26
C ALA A 66 7.76 19.85 6.94
N ALA A 67 7.02 20.31 7.94
CA ALA A 67 6.06 21.39 7.70
C ALA A 67 6.76 22.67 7.27
N PHE A 68 7.88 23.03 7.92
CA PHE A 68 8.55 24.26 7.54
C PHE A 68 9.10 24.20 6.12
N ALA A 69 9.69 23.06 5.76
CA ALA A 69 10.23 22.92 4.41
C ALA A 69 9.11 23.00 3.37
N ALA A 70 7.93 22.48 3.70
CA ALA A 70 6.79 22.60 2.79
C ALA A 70 6.34 24.05 2.65
N ALA A 71 6.25 24.76 3.77
CA ALA A 71 5.84 26.17 3.72
C ALA A 71 6.80 26.99 2.85
N ARG A 72 8.10 26.79 3.03
CA ARG A 72 9.07 27.49 2.19
C ARG A 72 8.89 27.11 0.72
N SER A 73 8.61 25.83 0.47
CA SER A 73 8.44 25.34 -0.90
C SER A 73 7.18 25.94 -1.54
N ILE A 74 6.08 25.96 -0.79
CA ILE A 74 4.85 26.55 -1.31
C ILE A 74 5.04 28.02 -1.63
N ARG A 75 5.71 28.76 -0.74
CA ARG A 75 5.91 30.19 -0.98
C ARG A 75 6.82 30.43 -2.18
N ALA A 76 7.80 29.56 -2.41
CA ALA A 76 8.70 29.76 -3.54
C ALA A 76 8.02 29.42 -4.86
N ARG A 77 7.23 28.34 -4.89
N ARG A 77 7.23 28.34 -4.88
CA ARG A 77 6.59 27.93 -6.14
CA ARG A 77 6.58 27.90 -6.11
C ARG A 77 5.30 28.69 -6.41
C ARG A 77 5.29 28.67 -6.40
N ASP A 78 4.66 29.25 -5.39
CA ASP A 78 3.40 29.98 -5.54
C ASP A 78 3.51 31.31 -4.81
N PRO A 79 4.14 32.31 -5.42
CA PRO A 79 4.29 33.60 -4.74
C PRO A 79 2.93 34.10 -4.27
N GLY A 80 2.92 34.78 -3.13
CA GLY A 80 1.68 35.26 -2.56
C GLY A 80 0.86 34.20 -1.83
N ALA A 81 1.37 32.98 -1.71
CA ALA A 81 0.59 31.92 -1.08
C ALA A 81 0.32 32.23 0.38
N ARG A 82 -0.81 31.75 0.89
CA ARG A 82 -1.18 31.87 2.29
C ARG A 82 -1.13 30.49 2.92
N VAL A 83 -0.18 30.29 3.83
CA VAL A 83 0.11 29.00 4.43
C VAL A 83 -0.12 29.10 5.93
N LEU A 84 -0.90 28.16 6.47
CA LEU A 84 -1.12 28.09 7.91
C LEU A 84 -0.53 26.78 8.44
N ILE A 85 0.36 26.90 9.42
CA ILE A 85 0.89 25.77 10.16
C ILE A 85 0.19 25.70 11.50
N VAL A 86 -0.33 24.53 11.85
CA VAL A 86 -0.96 24.29 13.14
C VAL A 86 -0.04 23.36 13.91
N SER A 87 0.46 23.85 15.06
CA SER A 87 1.46 23.13 15.84
C SER A 87 0.99 23.00 17.28
N GLU A 88 0.96 21.76 17.78
CA GLU A 88 0.59 21.53 19.17
C GLU A 88 1.66 22.03 20.13
N ASP A 89 2.91 22.16 19.67
CA ASP A 89 3.97 22.68 20.51
C ASP A 89 3.84 24.20 20.65
N PRO A 90 4.36 24.78 21.73
CA PRO A 90 4.36 26.24 21.86
C PRO A 90 5.46 26.92 21.07
N GLU A 91 6.44 26.17 20.56
CA GLU A 91 7.60 26.73 19.89
C GLU A 91 7.35 26.86 18.40
N LEU A 92 7.99 27.84 17.78
CA LEU A 92 8.01 27.92 16.33
C LEU A 92 8.89 26.81 15.75
N PRO A 93 8.75 26.51 14.47
CA PRO A 93 9.50 25.39 13.89
C PRO A 93 11.00 25.50 14.16
N TYR A 94 11.60 24.39 14.56
CA TYR A 94 13.03 24.35 14.85
C TYR A 94 13.60 22.99 14.50
N MET A 95 14.92 22.97 14.31
CA MET A 95 15.65 21.75 14.01
C MET A 95 16.07 21.04 15.29
N ARG A 96 16.00 19.70 15.26
CA ARG A 96 16.23 18.86 16.43
C ARG A 96 17.65 18.32 16.56
N PRO A 97 18.41 18.12 15.48
CA PRO A 97 19.75 17.52 15.61
C PRO A 97 20.59 18.22 16.65
N PRO A 98 20.59 19.56 16.72
CA PRO A 98 21.45 20.21 17.71
C PRO A 98 21.09 19.88 19.16
N LEU A 99 19.86 19.42 19.41
CA LEU A 99 19.44 19.13 20.78
C LEU A 99 20.22 17.99 21.42
N SER A 100 20.86 17.13 20.62
CA SER A 100 21.69 16.05 21.15
C SER A 100 23.16 16.22 20.80
N LYS A 101 23.53 17.37 20.23
CA LYS A 101 24.90 17.58 19.76
C LYS A 101 25.39 18.99 20.08
N GLU A 102 25.35 19.91 19.11
CA GLU A 102 26.06 21.17 19.23
C GLU A 102 25.64 21.98 20.45
N LEU A 103 24.37 21.89 20.86
CA LEU A 103 23.94 22.68 22.00
C LEU A 103 24.60 22.23 23.30
N TRP A 104 25.15 21.02 23.34
CA TRP A 104 25.85 20.52 24.51
C TRP A 104 27.34 20.86 24.52
N PHE A 105 27.91 21.18 23.36
CA PHE A 105 29.33 21.47 23.25
C PHE A 105 29.61 22.97 23.16
N SER A 106 28.86 23.77 23.92
CA SER A 106 29.02 25.21 23.89
C SER A 106 29.69 25.72 25.16
N PRO A 109 27.29 28.89 27.17
CA PRO A 109 27.06 29.02 28.63
C PRO A 109 25.66 29.54 28.95
N ASN A 110 25.16 30.46 28.12
CA ASN A 110 23.77 30.86 28.13
C ASN A 110 22.95 30.09 27.10
N VAL A 111 23.53 29.01 26.56
CA VAL A 111 22.94 28.32 25.42
C VAL A 111 21.54 27.81 25.72
N THR A 112 21.27 27.39 26.96
CA THR A 112 19.93 26.86 27.27
C THR A 112 18.85 27.92 27.06
N LYS A 113 19.19 29.20 27.25
CA LYS A 113 18.23 30.29 27.06
C LYS A 113 18.24 30.81 25.63
N THR A 114 19.43 31.03 25.06
CA THR A 114 19.52 31.59 23.71
C THR A 114 19.15 30.58 22.65
N LEU A 115 19.42 29.29 22.90
CA LEU A 115 19.21 28.23 21.91
C LEU A 115 19.96 28.53 20.63
N ARG A 116 21.10 29.20 20.75
CA ARG A 116 22.05 29.38 19.67
C ARG A 116 23.25 28.49 19.91
N PHE A 117 23.87 28.05 18.81
CA PHE A 117 24.97 27.09 18.91
C PHE A 117 25.99 27.40 17.84
N LYS A 118 27.21 26.93 18.07
CA LYS A 118 28.31 27.10 17.13
C LYS A 118 28.48 25.78 16.37
N GLN A 119 28.28 25.84 15.05
CA GLN A 119 28.64 24.71 14.21
C GLN A 119 30.11 24.38 14.40
N TRP A 120 30.49 23.15 14.03
CA TRP A 120 31.86 22.71 14.28
C TRP A 120 32.87 23.65 13.63
N ASN A 121 32.50 24.31 12.54
CA ASN A 121 33.41 25.26 11.90
C ASN A 121 33.53 26.55 12.71
N GLY A 122 32.47 26.95 13.40
CA GLY A 122 32.51 28.13 14.24
C GLY A 122 31.35 29.07 14.03
N LYS A 123 30.71 29.00 12.86
CA LYS A 123 29.58 29.89 12.58
C LYS A 123 28.45 29.62 13.55
N GLU A 124 27.95 30.68 14.18
CA GLU A 124 26.85 30.58 15.13
C GLU A 124 25.51 30.72 14.42
N ARG A 125 24.51 30.00 14.93
CA ARG A 125 23.16 30.13 14.40
C ARG A 125 22.16 29.66 15.44
N SER A 126 20.89 29.94 15.16
CA SER A 126 19.80 29.60 16.05
C SER A 126 19.20 28.26 15.67
N ILE A 127 18.59 27.59 16.66
CA ILE A 127 17.93 26.32 16.41
C ILE A 127 16.64 26.50 15.61
N TYR A 128 16.06 27.70 15.62
CA TYR A 128 14.84 27.96 14.86
C TYR A 128 15.16 28.12 13.38
N PHE A 129 14.26 27.62 12.52
CA PHE A 129 14.49 27.73 11.08
C PHE A 129 14.48 29.19 10.64
N GLN A 130 13.58 29.99 11.22
CA GLN A 130 13.47 31.40 10.92
C GLN A 130 13.11 32.16 12.18
N PRO A 131 13.52 33.42 12.29
CA PRO A 131 13.08 34.24 13.42
C PRO A 131 11.60 34.53 13.33
N PRO A 132 10.97 34.93 14.45
CA PRO A 132 9.53 35.23 14.40
C PRO A 132 9.17 36.26 13.34
N SER A 133 10.13 37.10 12.93
CA SER A 133 9.85 38.11 11.92
C SER A 133 9.47 37.51 10.58
N PHE A 134 9.90 36.27 10.31
CA PHE A 134 9.60 35.63 9.04
C PHE A 134 8.11 35.31 8.90
N TYR A 135 7.40 35.14 10.02
CA TYR A 135 6.01 34.70 10.04
C TYR A 135 5.05 35.87 10.19
N VAL A 136 3.80 35.63 9.79
CA VAL A 136 2.69 36.56 10.04
C VAL A 136 1.67 35.87 10.94
N SER A 137 0.84 36.67 11.58
CA SER A 137 -0.19 36.14 12.47
C SER A 137 -1.27 35.41 11.67
N ALA A 138 -1.90 34.43 12.31
CA ALA A 138 -2.96 33.67 11.66
C ALA A 138 -4.19 34.53 11.40
N GLN A 139 -4.53 35.41 12.36
CA GLN A 139 -5.68 36.28 12.17
C GLN A 139 -5.52 37.18 10.96
N ASP A 140 -4.31 37.68 10.71
CA ASP A 140 -4.05 38.59 9.62
C ASP A 140 -3.68 37.88 8.32
N LEU A 141 -3.54 36.55 8.37
CA LEU A 141 -3.11 35.81 7.19
C LEU A 141 -4.03 36.00 5.98
N PRO A 142 -5.35 36.08 6.12
CA PRO A 142 -6.20 36.28 4.93
C PRO A 142 -6.12 37.68 4.35
N HIS A 143 -5.63 38.68 5.09
CA HIS A 143 -5.67 40.06 4.64
C HIS A 143 -4.32 40.60 4.19
N ILE A 144 -3.20 40.06 4.68
CA ILE A 144 -1.90 40.62 4.33
C ILE A 144 -1.68 40.50 2.83
N GLU A 145 -1.20 41.59 2.23
CA GLU A 145 -0.90 41.59 0.80
C GLU A 145 0.30 40.69 0.52
N ASN A 146 0.17 39.87 -0.53
CA ASN A 146 1.18 38.88 -0.91
C ASN A 146 1.32 37.77 0.12
N GLY A 147 0.35 37.64 1.03
CA GLY A 147 0.26 36.46 1.88
C GLY A 147 1.43 36.31 2.84
N GLY A 148 1.68 35.06 3.22
CA GLY A 148 2.75 34.76 4.16
C GLY A 148 2.54 33.39 4.78
N VAL A 149 3.35 33.12 5.80
CA VAL A 149 3.31 31.87 6.55
C VAL A 149 2.99 32.20 8.00
N ALA A 150 1.94 31.58 8.54
CA ALA A 150 1.54 31.76 9.93
C ALA A 150 1.64 30.43 10.66
N VAL A 151 1.92 30.50 11.96
CA VAL A 151 1.95 29.33 12.82
C VAL A 151 0.97 29.54 13.96
N LEU A 152 0.05 28.61 14.13
CA LEU A 152 -0.88 28.62 15.26
C LEU A 152 -0.30 27.65 16.30
N THR A 153 0.44 28.20 17.26
CA THR A 153 1.09 27.40 18.28
C THR A 153 0.11 27.05 19.39
N GLY A 154 0.42 25.97 20.11
CA GLY A 154 -0.44 25.55 21.20
C GLY A 154 -1.77 24.98 20.78
N LYS A 155 -1.90 24.54 19.53
CA LYS A 155 -3.15 23.99 19.02
C LYS A 155 -2.91 22.65 18.35
N LYS A 156 -3.80 21.70 18.62
CA LYS A 156 -3.70 20.35 18.09
C LYS A 156 -4.89 20.06 17.19
N VAL A 157 -4.61 19.58 15.98
CA VAL A 157 -5.65 19.04 15.13
C VAL A 157 -6.07 17.69 15.68
N VAL A 158 -7.33 17.58 16.10
CA VAL A 158 -7.85 16.36 16.70
C VAL A 158 -8.83 15.61 15.80
N GLN A 159 -9.33 16.24 14.73
CA GLN A 159 -10.25 15.59 13.82
C GLN A 159 -9.98 16.06 12.39
N LEU A 160 -10.04 15.12 11.45
CA LEU A 160 -9.82 15.38 10.02
C LEU A 160 -11.00 14.86 9.21
N ASP A 161 -11.59 15.73 8.39
CA ASP A 161 -12.72 15.38 7.54
C ASP A 161 -12.27 15.51 6.08
N VAL A 162 -11.93 14.38 5.47
CA VAL A 162 -11.36 14.38 4.13
C VAL A 162 -12.39 14.82 3.09
N ARG A 163 -13.64 14.38 3.26
CA ARG A 163 -14.67 14.71 2.26
C ARG A 163 -14.91 16.22 2.18
N ASP A 164 -15.00 16.89 3.34
CA ASP A 164 -15.31 18.30 3.39
C ASP A 164 -14.08 19.19 3.52
N ASN A 165 -12.87 18.62 3.40
CA ASN A 165 -11.64 19.38 3.47
C ASN A 165 -11.61 20.28 4.69
N MET A 166 -11.85 19.68 5.86
CA MET A 166 -11.98 20.41 7.10
C MET A 166 -11.27 19.68 8.22
N VAL A 167 -10.71 20.45 9.17
CA VAL A 167 -10.16 19.92 10.40
C VAL A 167 -10.82 20.63 11.58
N LYS A 168 -10.78 19.96 12.73
CA LYS A 168 -11.25 20.51 13.99
C LYS A 168 -10.10 20.52 14.99
N LEU A 169 -9.91 21.63 15.68
CA LEU A 169 -8.83 21.76 16.64
C LEU A 169 -9.31 21.35 18.03
N ASN A 170 -8.35 21.19 18.94
CA ASN A 170 -8.68 20.77 20.30
C ASN A 170 -9.57 21.79 21.02
N ASP A 171 -9.56 23.05 20.60
CA ASP A 171 -10.40 24.06 21.22
C ASP A 171 -11.77 24.19 20.54
N GLY A 172 -12.08 23.30 19.60
CA GLY A 172 -13.36 23.28 18.94
C GLY A 172 -13.45 24.06 17.65
N SER A 173 -12.47 24.93 17.37
CA SER A 173 -12.52 25.70 16.14
C SER A 173 -12.29 24.79 14.93
N GLN A 174 -12.87 25.17 13.80
CA GLN A 174 -12.81 24.39 12.57
C GLN A 174 -12.19 25.22 11.46
N ILE A 175 -11.40 24.55 10.62
CA ILE A 175 -10.69 25.21 9.52
C ILE A 175 -10.90 24.37 8.26
N THR A 176 -11.32 25.02 7.19
CA THR A 176 -11.38 24.40 5.88
C THR A 176 -10.10 24.75 5.12
N TYR A 177 -9.72 23.86 4.21
CA TYR A 177 -8.49 24.02 3.45
C TYR A 177 -8.78 23.65 2.01
N GLU A 178 -7.87 24.03 1.12
CA GLU A 178 -7.87 23.55 -0.26
C GLU A 178 -6.81 22.49 -0.49
N LYS A 179 -5.65 22.63 0.15
CA LYS A 179 -4.60 21.63 0.12
C LYS A 179 -4.08 21.42 1.53
N CSX A 180 -3.84 20.18 1.89
CA CSX A 180 -3.39 19.85 3.21
CB CSX A 180 -4.50 19.20 4.03
SG CSX A 180 -3.93 18.63 5.58
C CSX A 180 -2.18 18.92 3.28
O CSX A 180 -2.02 17.96 2.53
OD CSX A 180 -5.08 18.76 6.53
H CSX A 180 -3.91 19.35 1.33
HA CSX A 180 -3.07 20.82 3.72
HB2 CSX A 180 -4.93 18.34 3.46
HB3 CSX A 180 -5.32 19.94 4.20
HG CSX A 180 -3.87 17.35 5.31
N LEU A 181 -1.29 19.24 4.21
CA LEU A 181 -0.14 18.40 4.50
C LEU A 181 -0.23 17.87 5.91
N ILE A 182 -0.11 16.55 6.05
CA ILE A 182 0.05 15.92 7.36
C ILE A 182 1.56 15.75 7.60
N ALA A 183 2.06 16.42 8.64
CA ALA A 183 3.47 16.41 8.97
C ALA A 183 3.61 16.31 10.49
N THR A 184 2.98 15.28 11.05
CA THR A 184 2.83 15.15 12.50
C THR A 184 4.01 14.47 13.18
N GLY A 185 4.97 13.94 12.41
CA GLY A 185 6.14 13.31 13.02
C GLY A 185 5.78 12.09 13.85
N GLY A 186 6.43 11.98 15.00
CA GLY A 186 6.22 10.85 15.88
C GLY A 186 6.49 11.20 17.33
N THR A 187 6.14 10.27 18.22
CA THR A 187 6.35 10.41 19.65
C THR A 187 7.30 9.32 20.15
N PRO A 188 8.25 9.65 21.03
CA PRO A 188 9.20 8.63 21.48
C PRO A 188 8.50 7.46 22.15
N ARG A 189 9.00 6.25 21.88
CA ARG A 189 8.53 5.09 22.60
C ARG A 189 9.08 5.06 24.02
N SER A 190 8.40 4.33 24.88
CA SER A 190 8.85 4.07 26.24
C SER A 190 8.93 2.56 26.46
N LEU A 191 9.71 2.16 27.46
CA LEU A 191 9.84 0.75 27.80
C LEU A 191 8.66 0.29 28.62
N SER A 192 8.22 -0.95 28.37
CA SER A 192 7.16 -1.53 29.20
C SER A 192 7.58 -1.62 30.66
N ALA A 193 8.87 -1.86 30.93
CA ALA A 193 9.35 -1.91 32.30
C ALA A 193 9.19 -0.56 33.00
N ILE A 194 9.30 0.53 32.26
CA ILE A 194 9.13 1.85 32.85
C ILE A 194 7.66 2.20 33.03
N ASP A 195 6.80 1.76 32.11
CA ASP A 195 5.38 2.09 32.22
C ASP A 195 4.76 1.48 33.48
N ARG A 196 5.11 0.23 33.78
CA ARG A 196 4.60 -0.48 34.95
C ARG A 196 5.43 -0.22 36.22
N ALA A 197 6.37 0.73 36.18
CA ALA A 197 7.25 0.94 37.33
C ALA A 197 6.60 1.79 38.42
N GLY A 198 5.97 2.89 38.05
CA GLY A 198 5.31 3.74 39.01
C GLY A 198 5.42 5.19 38.61
N ALA A 199 4.75 6.04 39.38
CA ALA A 199 4.75 7.47 39.07
C ALA A 199 6.09 8.13 39.38
N GLU A 200 6.82 7.63 40.38
CA GLU A 200 8.13 8.21 40.68
C GLU A 200 9.16 7.81 39.63
N VAL A 201 9.20 6.52 39.27
CA VAL A 201 10.12 6.08 38.23
C VAL A 201 9.82 6.80 36.92
N LYS A 202 8.54 6.97 36.62
CA LYS A 202 8.15 7.64 35.37
C LYS A 202 8.48 9.12 35.42
N SER A 203 8.35 9.76 36.60
CA SER A 203 8.69 11.18 36.71
C SER A 203 10.19 11.42 36.61
N ARG A 204 11.00 10.39 36.82
CA ARG A 204 12.45 10.49 36.72
C ARG A 204 12.98 9.79 35.47
N THR A 205 12.16 9.68 34.43
CA THR A 205 12.55 9.11 33.15
C THR A 205 12.25 10.11 32.05
N THR A 206 13.25 10.40 31.23
CA THR A 206 13.15 11.42 30.19
C THR A 206 13.05 10.75 28.83
N LEU A 207 12.05 11.17 28.04
CA LEU A 207 11.95 10.80 26.63
C LEU A 207 12.38 12.04 25.84
N PHE A 208 13.50 11.92 25.12
CA PHE A 208 14.20 13.07 24.58
C PHE A 208 13.77 13.33 23.14
N ARG A 209 13.18 14.50 22.89
CA ARG A 209 12.82 14.89 21.53
C ARG A 209 12.71 16.40 21.34
N LYS A 210 12.31 17.13 22.38
CA LYS A 210 11.93 18.53 22.24
C LYS A 210 12.88 19.45 22.99
N ILE A 211 12.72 20.76 22.74
CA ILE A 211 13.51 21.77 23.44
C ILE A 211 13.35 21.61 24.95
N GLY A 212 12.12 21.39 25.42
CA GLY A 212 11.90 21.20 26.84
C GLY A 212 12.64 20.02 27.42
N ASP A 213 12.85 18.97 26.61
CA ASP A 213 13.60 17.82 27.10
C ASP A 213 15.08 18.14 27.23
N PHE A 214 15.61 18.93 26.30
CA PHE A 214 17.00 19.36 26.41
C PHE A 214 17.22 20.19 27.66
N ARG A 215 16.31 21.13 27.93
CA ARG A 215 16.48 22.00 29.09
C ARG A 215 16.34 21.21 30.39
N SER A 216 15.34 20.33 30.48
CA SER A 216 15.14 19.58 31.72
C SER A 216 16.30 18.62 31.98
N LEU A 217 16.87 18.04 30.92
CA LEU A 217 17.97 17.10 31.10
C LEU A 217 19.28 17.82 31.37
N GLU A 218 19.50 18.96 30.70
CA GLU A 218 20.69 19.76 30.98
C GLU A 218 20.72 20.18 32.44
N LYS A 219 19.58 20.54 33.01
CA LYS A 219 19.54 20.89 34.43
C LYS A 219 19.82 19.66 35.29
N ILE A 220 19.28 18.50 34.90
CA ILE A 220 19.49 17.27 35.65
C ILE A 220 20.97 16.92 35.68
N SER A 221 21.68 17.14 34.57
CA SER A 221 23.09 16.79 34.53
C SER A 221 23.93 17.65 35.48
N ARG A 222 23.40 18.77 35.95
CA ARG A 222 24.09 19.61 36.92
C ARG A 222 23.62 19.39 38.35
N GLU A 223 22.69 18.48 38.58
CA GLU A 223 22.10 18.26 39.90
C GLU A 223 22.32 16.85 40.44
N VAL A 224 22.29 15.83 39.60
CA VAL A 224 22.43 14.45 40.04
C VAL A 224 23.84 13.97 39.73
N LYS A 225 24.20 12.82 40.30
CA LYS A 225 25.53 12.26 40.12
C LYS A 225 25.60 11.16 39.08
N SER A 226 24.46 10.58 38.70
CA SER A 226 24.44 9.43 37.79
C SER A 226 23.22 9.50 36.88
N ILE A 227 23.46 9.43 35.57
CA ILE A 227 22.40 9.36 34.58
C ILE A 227 22.63 8.11 33.74
N THR A 228 21.54 7.39 33.46
CA THR A 228 21.59 6.17 32.67
C THR A 228 20.78 6.35 31.39
N ILE A 229 21.41 6.06 30.26
CA ILE A 229 20.76 6.10 28.96
C ILE A 229 20.41 4.68 28.55
N ILE A 230 19.15 4.44 28.21
CA ILE A 230 18.69 3.14 27.72
C ILE A 230 18.43 3.29 26.23
N GLY A 231 19.26 2.64 25.42
CA GLY A 231 19.17 2.76 23.98
C GLY A 231 20.54 2.91 23.35
N GLY A 232 20.82 2.10 22.32
CA GLY A 232 22.13 2.10 21.69
C GLY A 232 22.17 2.70 20.30
N GLY A 233 21.05 3.25 19.83
CA GLY A 233 20.98 3.82 18.51
C GLY A 233 21.65 5.18 18.45
N PHE A 234 21.30 5.94 17.40
CA PHE A 234 21.90 7.26 17.19
C PHE A 234 21.67 8.16 18.41
N LEU A 235 20.42 8.32 18.80
CA LEU A 235 20.08 9.27 19.86
C LEU A 235 20.80 8.92 21.16
N GLY A 236 20.68 7.67 21.59
CA GLY A 236 21.32 7.26 22.84
C GLY A 236 22.81 7.51 22.82
N SER A 237 23.46 7.22 21.69
CA SER A 237 24.91 7.34 21.61
C SER A 237 25.34 8.80 21.61
N GLU A 238 24.60 9.66 20.90
CA GLU A 238 24.92 11.08 20.89
C GLU A 238 24.72 11.70 22.27
N LEU A 239 23.64 11.32 22.96
CA LEU A 239 23.42 11.81 24.31
C LEU A 239 24.50 11.30 25.27
N ALA A 240 24.98 10.08 25.06
CA ALA A 240 26.04 9.55 25.91
C ALA A 240 27.31 10.39 25.76
N CYS A 241 27.70 10.69 24.53
CA CYS A 241 28.88 11.51 24.30
C CYS A 241 28.68 12.93 24.83
N ALA A 242 27.46 13.47 24.69
CA ALA A 242 27.18 14.82 25.19
C ALA A 242 27.21 14.85 26.71
N LEU A 243 26.45 13.96 27.35
CA LEU A 243 26.45 13.90 28.81
C LEU A 243 27.80 13.47 29.35
N GLY A 244 28.54 12.66 28.59
CA GLY A 244 29.86 12.25 29.04
C GLY A 244 30.84 13.41 29.09
N ARG A 245 30.76 14.31 28.12
CA ARG A 245 31.60 15.50 28.15
C ARG A 245 31.28 16.35 29.38
N LYS A 246 29.99 16.57 29.66
CA LYS A 246 29.61 17.33 30.84
C LYS A 246 30.06 16.65 32.12
N ALA A 247 30.07 15.31 32.14
CA ALA A 247 30.37 14.57 33.37
C ALA A 247 31.86 14.59 33.69
N ARG A 248 32.72 14.64 32.66
CA ARG A 248 34.15 14.72 32.93
C ARG A 248 34.49 16.00 33.68
N ALA A 249 33.83 17.10 33.33
CA ALA A 249 34.12 18.39 33.96
C ALA A 249 33.55 18.48 35.37
N LEU A 250 32.38 17.88 35.60
CA LEU A 250 31.74 17.91 36.91
C LEU A 250 32.07 16.70 37.77
N GLY A 251 32.73 15.68 37.22
CA GLY A 251 33.05 14.49 37.98
C GLY A 251 31.88 13.56 38.26
N THR A 252 30.90 13.50 37.36
CA THR A 252 29.71 12.68 37.55
C THR A 252 29.78 11.42 36.67
N GLU A 253 28.70 10.64 36.68
CA GLU A 253 28.66 9.32 36.05
C GLU A 253 27.63 9.31 34.92
N VAL A 254 27.99 8.68 33.80
CA VAL A 254 27.07 8.47 32.68
C VAL A 254 27.14 6.99 32.29
N ILE A 255 25.98 6.35 32.22
CA ILE A 255 25.86 4.94 31.84
C ILE A 255 24.98 4.84 30.59
N GLN A 256 25.38 3.97 29.66
CA GLN A 256 24.57 3.64 28.49
C GLN A 256 24.48 2.12 28.39
N LEU A 257 23.26 1.59 28.38
CA LEU A 257 23.03 0.16 28.22
C LEU A 257 22.01 -0.10 27.12
N PHE A 258 22.15 -1.24 26.46
CA PHE A 258 21.28 -1.63 25.37
C PHE A 258 21.43 -3.12 25.12
N PRO A 259 20.47 -3.76 24.44
CA PRO A 259 20.54 -5.22 24.25
C PRO A 259 21.53 -5.67 23.18
N GLU A 260 21.90 -4.82 22.22
CA GLU A 260 22.78 -5.23 21.15
C GLU A 260 24.20 -5.44 21.67
N LYS A 261 25.05 -6.03 20.80
CA LYS A 261 26.44 -6.25 21.16
C LYS A 261 27.26 -4.97 21.17
N GLY A 262 26.81 -3.93 20.49
CA GLY A 262 27.55 -2.69 20.43
C GLY A 262 26.65 -1.56 19.98
N ASN A 263 27.15 -0.34 20.13
CA ASN A 263 26.37 0.83 19.75
C ASN A 263 25.95 0.73 18.29
N MET A 264 24.69 1.10 18.02
CA MET A 264 24.14 1.16 16.67
C MET A 264 24.34 -0.17 15.93
N GLY A 265 24.21 -1.27 16.68
CA GLY A 265 24.41 -2.59 16.12
C GLY A 265 23.39 -2.97 15.07
N LYS A 266 22.20 -2.36 15.12
CA LYS A 266 21.17 -2.60 14.12
C LYS A 266 21.47 -1.91 12.80
N ILE A 267 22.50 -1.07 12.74
CA ILE A 267 22.75 -0.19 11.61
C ILE A 267 24.14 -0.43 11.02
N LEU A 268 25.18 -0.46 11.88
CA LEU A 268 26.54 -0.66 11.43
C LEU A 268 26.94 -2.13 11.57
N PRO A 269 27.84 -2.64 10.73
CA PRO A 269 28.33 -4.01 10.91
C PRO A 269 28.98 -4.17 12.26
N GLU A 270 29.10 -5.43 12.69
CA GLU A 270 29.52 -5.73 14.06
C GLU A 270 30.87 -5.09 14.38
N TYR A 271 31.84 -5.21 13.46
CA TYR A 271 33.17 -4.69 13.75
C TYR A 271 33.16 -3.18 13.94
N LEU A 272 32.38 -2.47 13.13
CA LEU A 272 32.33 -1.02 13.27
C LEU A 272 31.47 -0.59 14.45
N SER A 273 30.43 -1.36 14.79
CA SER A 273 29.68 -1.09 16.01
C SER A 273 30.56 -1.22 17.24
N ASN A 274 31.44 -2.22 17.25
CA ASN A 274 32.33 -2.41 18.39
C ASN A 274 33.37 -1.30 18.47
N TRP A 275 33.95 -0.91 17.33
CA TRP A 275 34.83 0.25 17.31
C TRP A 275 34.15 1.46 17.90
N THR A 276 32.89 1.69 17.51
CA THR A 276 32.14 2.85 17.99
C THR A 276 31.91 2.76 19.50
N MET A 277 31.65 1.56 20.01
CA MET A 277 31.42 1.42 21.44
C MET A 277 32.65 1.82 22.24
N GLU A 278 33.84 1.51 21.73
CA GLU A 278 35.06 1.89 22.44
C GLU A 278 35.29 3.39 22.37
N LYS A 279 34.90 4.02 21.27
CA LYS A 279 34.99 5.48 21.19
C LYS A 279 34.08 6.14 22.21
N VAL A 280 32.84 5.64 22.35
CA VAL A 280 31.92 6.19 23.34
C VAL A 280 32.47 5.98 24.75
N ARG A 281 33.10 4.84 24.99
CA ARG A 281 33.68 4.58 26.32
C ARG A 281 34.81 5.55 26.62
N ARG A 282 35.62 5.90 25.61
CA ARG A 282 36.71 6.85 25.82
C ARG A 282 36.21 8.28 26.04
N GLU A 283 34.93 8.55 25.83
CA GLU A 283 34.35 9.84 26.18
C GLU A 283 33.89 9.91 27.63
N GLY A 284 34.21 8.90 28.44
CA GLY A 284 33.84 8.88 29.84
C GLY A 284 32.52 8.20 30.14
N VAL A 285 32.05 7.31 29.27
CA VAL A 285 30.76 6.65 29.43
C VAL A 285 30.99 5.20 29.80
N LYS A 286 30.18 4.68 30.72
CA LYS A 286 30.17 3.26 31.05
C LYS A 286 29.12 2.58 30.18
N VAL A 287 29.56 1.88 29.15
CA VAL A 287 28.67 1.27 28.16
C VAL A 287 28.49 -0.21 28.52
N MET A 288 27.23 -0.62 28.69
CA MET A 288 26.86 -1.99 29.04
C MET A 288 26.12 -2.64 27.88
N PRO A 289 26.81 -3.30 26.94
CA PRO A 289 26.10 -4.02 25.88
C PRO A 289 25.47 -5.31 26.42
N ASN A 290 24.66 -5.94 25.57
CA ASN A 290 24.01 -7.20 25.90
C ASN A 290 23.12 -7.08 27.13
N ALA A 291 22.51 -5.92 27.33
CA ALA A 291 21.72 -5.61 28.51
C ALA A 291 20.25 -5.51 28.14
N ILE A 292 19.42 -6.34 28.76
CA ILE A 292 17.97 -6.31 28.60
C ILE A 292 17.37 -5.92 29.95
N VAL A 293 16.58 -4.85 29.98
CA VAL A 293 15.99 -4.37 31.21
C VAL A 293 14.84 -5.28 31.61
N GLN A 294 14.92 -5.83 32.82
CA GLN A 294 13.83 -6.64 33.36
C GLN A 294 12.84 -5.80 34.17
N SER A 295 13.33 -4.86 34.98
CA SER A 295 12.46 -4.04 35.81
C SER A 295 13.21 -2.81 36.26
N VAL A 296 12.46 -1.81 36.71
CA VAL A 296 13.01 -0.57 37.25
C VAL A 296 12.23 -0.22 38.51
N GLY A 297 12.94 0.13 39.57
CA GLY A 297 12.32 0.48 40.82
C GLY A 297 13.14 1.54 41.54
N VAL A 298 12.62 1.99 42.68
CA VAL A 298 13.28 2.96 43.53
C VAL A 298 13.84 2.24 44.73
N SER A 299 15.12 2.47 45.02
CA SER A 299 15.81 1.82 46.13
C SER A 299 16.72 2.84 46.78
N SER A 300 16.40 3.23 48.02
CA SER A 300 17.23 4.16 48.78
C SER A 300 17.30 5.53 48.11
N GLY A 301 16.19 5.94 47.50
CA GLY A 301 16.12 7.20 46.79
C GLY A 301 16.68 7.17 45.38
N LYS A 302 17.42 6.12 45.01
CA LYS A 302 17.99 5.97 43.69
C LYS A 302 17.11 5.05 42.84
N LEU A 303 17.30 5.16 41.52
CA LEU A 303 16.67 4.26 40.58
C LEU A 303 17.49 2.98 40.47
N LEU A 304 16.82 1.83 40.52
CA LEU A 304 17.49 0.53 40.44
C LEU A 304 16.99 -0.20 39.20
N ILE A 305 17.90 -0.42 38.25
CA ILE A 305 17.60 -1.12 37.02
C ILE A 305 18.10 -2.55 37.15
N LYS A 306 17.18 -3.51 37.06
CA LYS A 306 17.51 -4.93 37.09
C LYS A 306 17.51 -5.47 35.67
N LEU A 307 18.60 -6.12 35.28
CA LEU A 307 18.74 -6.69 33.95
C LEU A 307 18.39 -8.17 33.97
N LYS A 308 17.99 -8.68 32.80
CA LYS A 308 17.59 -10.08 32.70
C LYS A 308 18.76 -11.02 33.01
N ASP A 309 19.98 -10.61 32.71
CA ASP A 309 21.15 -11.44 32.95
C ASP A 309 21.63 -11.42 34.39
N GLY A 310 20.96 -10.67 35.27
CA GLY A 310 21.26 -10.64 36.68
C GLY A 310 21.95 -9.37 37.14
N ARG A 311 22.56 -8.61 36.24
CA ARG A 311 23.25 -7.40 36.63
C ARG A 311 22.26 -6.33 37.09
N LYS A 312 22.74 -5.42 37.94
CA LYS A 312 21.93 -4.36 38.51
C LYS A 312 22.66 -3.03 38.37
N VAL A 313 21.91 -1.98 38.07
CA VAL A 313 22.46 -0.64 37.86
C VAL A 313 21.71 0.34 38.75
N GLU A 314 22.44 1.03 39.61
CA GLU A 314 21.89 2.11 40.42
C GLU A 314 22.21 3.45 39.75
N THR A 315 21.23 4.32 39.67
CA THR A 315 21.39 5.59 38.99
C THR A 315 20.37 6.58 39.54
N ASP A 316 20.54 7.85 39.18
CA ASP A 316 19.66 8.91 39.66
C ASP A 316 18.60 9.33 38.65
N HIS A 317 18.83 9.13 37.35
CA HIS A 317 17.90 9.54 36.32
C HIS A 317 18.09 8.66 35.10
N ILE A 318 17.00 8.41 34.38
CA ILE A 318 17.01 7.57 33.19
C ILE A 318 16.58 8.40 31.99
N VAL A 319 17.29 8.22 30.87
CA VAL A 319 16.89 8.76 29.59
C VAL A 319 16.62 7.59 28.66
N ALA A 320 15.37 7.45 28.23
CA ALA A 320 14.98 6.38 27.33
C ALA A 320 15.07 6.88 25.88
N ALA A 321 15.91 6.22 25.09
CA ALA A 321 16.09 6.53 23.68
C ALA A 321 15.89 5.22 22.90
N VAL A 322 14.64 4.77 22.83
CA VAL A 322 14.30 3.47 22.26
C VAL A 322 13.32 3.61 21.11
N GLY A 323 13.53 4.60 20.26
CA GLY A 323 12.80 4.68 19.00
C GLY A 323 11.59 5.57 19.07
N LEU A 324 10.83 5.56 17.97
CA LEU A 324 9.77 6.51 17.71
C LEU A 324 8.50 5.79 17.24
N GLU A 325 7.35 6.32 17.65
CA GLU A 325 6.06 5.85 17.18
C GLU A 325 5.42 6.91 16.30
N PRO A 326 5.14 6.63 15.02
CA PRO A 326 4.52 7.66 14.17
C PRO A 326 3.18 8.12 14.72
N ASN A 327 2.93 9.42 14.62
CA ASN A 327 1.69 10.04 15.08
C ASN A 327 0.63 9.90 14.00
N VAL A 328 -0.19 8.85 14.11
CA VAL A 328 -1.19 8.52 13.11
C VAL A 328 -2.61 8.62 13.66
N GLU A 329 -2.81 9.36 14.75
CA GLU A 329 -4.14 9.46 15.34
C GLU A 329 -5.18 9.99 14.36
N LEU A 330 -4.77 10.88 13.45
CA LEU A 330 -5.74 11.47 12.53
C LEU A 330 -6.23 10.49 11.47
N ALA A 331 -5.61 9.30 11.35
CA ALA A 331 -6.06 8.35 10.36
C ALA A 331 -7.44 7.79 10.69
N LYS A 332 -7.80 7.73 11.97
CA LYS A 332 -9.11 7.21 12.35
C LYS A 332 -10.24 8.08 11.80
N THR A 333 -10.31 9.33 12.26
CA THR A 333 -11.37 10.21 11.78
C THR A 333 -11.22 10.51 10.30
N GLY A 334 -10.00 10.56 9.79
CA GLY A 334 -9.78 10.87 8.39
C GLY A 334 -10.06 9.72 7.44
N GLY A 335 -10.19 8.50 7.94
CA GLY A 335 -10.35 7.35 7.05
C GLY A 335 -9.14 7.09 6.18
N LEU A 336 -7.95 7.36 6.69
CA LEU A 336 -6.71 7.21 5.92
C LEU A 336 -6.03 5.89 6.25
N GLU A 337 -5.34 5.35 5.26
CA GLU A 337 -4.68 4.05 5.40
C GLU A 337 -3.37 4.20 6.15
N ILE A 338 -3.13 3.27 7.07
CA ILE A 338 -1.87 3.15 7.79
C ILE A 338 -1.15 1.93 7.26
N ASP A 339 0.19 1.98 7.29
CA ASP A 339 1.00 0.85 6.84
C ASP A 339 1.31 -0.04 8.03
N SER A 340 0.87 -1.30 7.96
CA SER A 340 1.08 -2.24 9.05
C SER A 340 2.51 -2.77 9.12
N ASP A 341 3.26 -2.71 8.01
CA ASP A 341 4.64 -3.19 8.00
C ASP A 341 5.59 -2.15 8.54
N PHE A 342 5.50 -0.91 8.08
CA PHE A 342 6.44 0.13 8.45
C PHE A 342 5.85 1.15 9.42
N GLY A 343 4.55 1.11 9.66
CA GLY A 343 3.90 2.17 10.41
C GLY A 343 3.76 3.43 9.59
N GLY A 344 2.94 4.38 10.05
CA GLY A 344 2.77 5.66 9.41
C GLY A 344 1.64 5.66 8.38
N PHE A 345 1.39 6.86 7.84
CA PHE A 345 0.40 7.02 6.79
C PHE A 345 0.94 6.46 5.48
N ARG A 346 0.17 5.58 4.84
CA ARG A 346 0.56 5.03 3.55
C ARG A 346 0.25 6.03 2.45
N VAL A 347 1.28 6.46 1.72
CA VAL A 347 1.14 7.38 0.61
C VAL A 347 1.92 6.82 -0.57
N ASN A 348 1.68 7.40 -1.75
CA ASN A 348 2.31 6.92 -2.97
C ASN A 348 3.65 7.64 -3.19
N ALA A 349 4.21 7.49 -4.39
CA ALA A 349 5.53 8.05 -4.69
C ALA A 349 5.54 9.57 -4.66
N GLU A 350 4.40 10.23 -4.87
CA GLU A 350 4.29 11.68 -4.81
C GLU A 350 3.95 12.16 -3.41
N LEU A 351 3.96 11.26 -2.43
CA LEU A 351 3.66 11.55 -1.03
C LEU A 351 2.18 11.89 -0.82
N GLN A 352 1.32 11.47 -1.74
CA GLN A 352 -0.09 11.80 -1.68
C GLN A 352 -0.89 10.65 -1.08
N ALA A 353 -1.82 11.00 -0.21
CA ALA A 353 -2.75 10.04 0.40
C ALA A 353 -4.12 10.08 -0.27
N ARG A 354 -4.66 11.28 -0.47
CA ARG A 354 -5.94 11.49 -1.14
C ARG A 354 -5.83 12.75 -1.99
N SER A 355 -6.95 13.12 -2.63
CA SER A 355 -6.92 14.13 -3.69
C SER A 355 -6.28 15.44 -3.24
N ASN A 356 -6.52 15.87 -2.00
CA ASN A 356 -5.98 17.15 -1.52
C ASN A 356 -5.21 17.00 -0.22
N ILE A 357 -4.66 15.82 0.05
CA ILE A 357 -3.94 15.54 1.29
C ILE A 357 -2.63 14.83 0.96
N TRP A 358 -1.51 15.40 1.42
CA TRP A 358 -0.21 14.77 1.34
C TRP A 358 0.31 14.51 2.75
N VAL A 359 1.35 13.68 2.85
CA VAL A 359 2.03 13.38 4.11
C VAL A 359 3.52 13.43 3.87
N ALA A 360 4.26 14.01 4.83
CA ALA A 360 5.71 14.15 4.72
C ALA A 360 6.35 13.88 6.08
N GLY A 361 7.67 13.66 6.05
CA GLY A 361 8.44 13.52 7.27
C GLY A 361 8.40 12.12 7.87
N ASP A 362 8.66 12.07 9.18
CA ASP A 362 8.74 10.79 9.90
C ASP A 362 7.46 9.99 9.78
N ALA A 363 6.33 10.66 9.60
CA ALA A 363 5.02 10.01 9.60
C ALA A 363 4.64 9.39 8.26
N ALA A 364 5.44 9.61 7.22
CA ALA A 364 5.05 9.20 5.86
C ALA A 364 5.69 7.89 5.44
N CSX A 365 4.87 6.86 5.27
CA CSX A 365 5.27 5.67 4.58
CB CSX A 365 4.59 4.42 5.12
SG CSX A 365 5.22 2.95 4.40
C CSX A 365 4.97 5.80 3.09
O CSX A 365 3.81 5.83 2.64
OD CSX A 365 4.00 2.29 3.85
H CSX A 365 3.93 6.81 5.60
HA CSX A 365 6.39 5.49 4.71
HB2 CSX A 365 3.50 4.47 4.91
HB3 CSX A 365 4.73 4.36 6.22
HG CSX A 365 5.82 3.46 3.37
N PHE A 366 6.02 5.87 2.30
CA PHE A 366 5.91 6.21 0.88
C PHE A 366 6.51 5.13 -0.01
N TYR A 367 6.19 5.21 -1.29
CA TYR A 367 6.72 4.29 -2.29
C TYR A 367 7.94 4.93 -2.96
N ASP A 368 9.09 4.30 -2.79
CA ASP A 368 10.30 4.71 -3.49
C ASP A 368 10.36 3.89 -4.77
N ILE A 369 10.25 4.58 -5.91
CA ILE A 369 10.20 3.89 -7.19
C ILE A 369 11.46 3.05 -7.41
N LYS A 370 12.58 3.47 -6.81
CA LYS A 370 13.85 2.77 -6.96
C LYS A 370 14.14 1.78 -5.85
N LEU A 371 13.82 2.13 -4.60
CA LEU A 371 14.20 1.31 -3.44
C LEU A 371 13.02 0.55 -2.82
N GLY A 372 11.78 0.86 -3.21
CA GLY A 372 10.60 0.21 -2.67
C GLY A 372 9.96 1.02 -1.55
N ARG A 373 8.90 0.45 -0.98
CA ARG A 373 8.15 1.12 0.06
C ARG A 373 9.00 1.25 1.32
N ARG A 374 8.97 2.43 1.95
CA ARG A 374 9.82 2.73 3.09
C ARG A 374 9.15 3.76 3.99
N ARG A 375 9.68 3.89 5.20
CA ARG A 375 9.43 5.05 6.04
C ARG A 375 10.75 5.47 6.65
N VAL A 376 11.06 6.76 6.58
CA VAL A 376 12.36 7.29 6.96
C VAL A 376 12.18 8.35 8.02
N GLU A 377 13.06 8.35 9.02
CA GLU A 377 13.02 9.31 10.12
C GLU A 377 14.33 10.08 10.20
N HIS A 378 14.66 10.85 9.15
CA HIS A 378 15.88 11.64 9.09
C HIS A 378 15.53 13.11 8.97
N HIS A 379 16.40 13.97 9.50
CA HIS A 379 16.19 15.41 9.37
C HIS A 379 16.14 15.82 7.91
N ASP A 380 17.13 15.39 7.12
CA ASP A 380 17.18 15.79 5.72
C ASP A 380 15.99 15.22 4.93
N HIS A 381 15.56 14.01 5.28
CA HIS A 381 14.40 13.43 4.61
C HIS A 381 13.16 14.27 4.89
N ALA A 382 12.99 14.76 6.12
CA ALA A 382 11.87 15.64 6.41
C ALA A 382 11.95 16.91 5.58
N VAL A 383 13.17 17.44 5.38
CA VAL A 383 13.33 18.61 4.54
C VAL A 383 13.01 18.29 3.08
N VAL A 384 13.58 17.19 2.58
CA VAL A 384 13.40 16.84 1.17
C VAL A 384 11.94 16.49 0.89
N SER A 385 11.35 15.65 1.74
CA SER A 385 9.97 15.22 1.51
C SER A 385 8.98 16.36 1.77
N GLY A 386 9.24 17.19 2.77
CA GLY A 386 8.40 18.36 2.97
C GLY A 386 8.45 19.31 1.79
N ARG A 387 9.65 19.54 1.26
CA ARG A 387 9.80 20.38 0.07
C ARG A 387 9.08 19.77 -1.12
N LEU A 388 9.27 18.47 -1.35
CA LEU A 388 8.59 17.80 -2.46
C LEU A 388 7.07 17.89 -2.32
N ALA A 389 6.55 17.60 -1.12
CA ALA A 389 5.12 17.69 -0.90
C ALA A 389 4.62 19.10 -1.20
N GLY A 390 5.37 20.12 -0.77
CA GLY A 390 4.99 21.49 -1.08
C GLY A 390 4.88 21.75 -2.57
N GLU A 391 5.82 21.20 -3.35
CA GLU A 391 5.78 21.39 -4.79
C GLU A 391 4.57 20.68 -5.39
N ASN A 392 4.26 19.48 -4.89
CA ASN A 392 3.11 18.75 -5.40
C ASN A 392 1.79 19.37 -4.93
N MET A 393 1.80 20.07 -3.80
CA MET A 393 0.61 20.83 -3.40
C MET A 393 0.39 22.04 -4.31
N THR A 394 1.37 22.41 -5.13
CA THR A 394 1.24 23.50 -6.08
C THR A 394 1.33 23.00 -7.52
N GLY A 395 0.97 21.73 -7.74
CA GLY A 395 0.75 21.20 -9.08
C GLY A 395 1.89 20.40 -9.70
N ALA A 396 2.95 20.10 -8.95
CA ALA A 396 4.16 19.55 -9.56
C ALA A 396 3.99 18.10 -10.00
N ALA A 397 3.30 17.28 -9.21
CA ALA A 397 3.12 15.86 -9.52
C ALA A 397 4.47 15.13 -9.70
N LYS A 398 5.40 15.38 -8.78
CA LYS A 398 6.72 14.78 -8.90
C LYS A 398 6.93 13.66 -7.88
N PRO A 399 7.60 12.57 -8.26
CA PRO A 399 7.86 11.49 -7.31
C PRO A 399 9.12 11.73 -6.49
N TYR A 400 9.15 11.10 -5.31
CA TYR A 400 10.35 11.11 -4.50
C TYR A 400 11.48 10.46 -5.28
N TRP A 401 12.53 11.23 -5.54
CA TRP A 401 13.59 10.83 -6.46
C TRP A 401 14.95 11.19 -5.86
N HIS A 402 15.09 12.42 -5.40
CA HIS A 402 16.34 12.84 -4.78
C HIS A 402 16.44 12.15 -3.42
N GLN A 403 17.49 11.34 -3.24
CA GLN A 403 17.67 10.57 -2.02
C GLN A 403 18.23 11.44 -0.90
N SER A 404 17.49 11.54 0.20
CA SER A 404 17.95 12.28 1.36
C SER A 404 18.98 11.45 2.12
N MET A 405 19.88 12.15 2.80
CA MET A 405 20.97 11.59 3.58
C MET A 405 20.72 11.76 5.08
N PHE A 406 21.50 11.04 5.89
CA PHE A 406 21.52 11.34 7.32
C PHE A 406 22.96 11.32 7.80
N TRP A 407 23.15 11.86 9.00
CA TRP A 407 24.48 11.97 9.58
C TRP A 407 24.37 11.78 11.09
N SER A 408 25.52 11.50 11.68
CA SER A 408 25.65 11.41 13.12
C SER A 408 27.06 11.82 13.50
N ASP A 409 27.17 12.59 14.57
CA ASP A 409 28.45 13.02 15.12
C ASP A 409 28.52 12.56 16.56
N LEU A 410 29.58 11.85 16.89
CA LEU A 410 29.84 11.48 18.28
C LEU A 410 30.98 12.35 18.81
N GLY A 411 30.74 13.67 18.72
CA GLY A 411 31.75 14.66 18.99
C GLY A 411 32.24 15.30 17.71
N PRO A 412 33.15 16.26 17.82
CA PRO A 412 33.80 16.82 16.62
C PRO A 412 34.90 15.94 16.03
N ASP A 413 35.06 14.72 16.52
CA ASP A 413 36.11 13.81 16.10
C ASP A 413 35.61 12.65 15.25
N VAL A 414 34.55 11.98 15.69
CA VAL A 414 33.95 10.87 14.96
C VAL A 414 32.65 11.35 14.32
N GLY A 415 32.57 11.21 13.00
CA GLY A 415 31.35 11.53 12.29
C GLY A 415 31.16 10.59 11.12
N TYR A 416 29.90 10.34 10.76
CA TYR A 416 29.63 9.53 9.60
C TYR A 416 28.33 9.97 8.95
N GLU A 417 28.26 9.78 7.64
CA GLU A 417 27.11 10.10 6.82
C GLU A 417 26.59 8.83 6.17
N ALA A 418 25.33 8.87 5.73
CA ALA A 418 24.69 7.67 5.20
C ALA A 418 23.59 8.06 4.24
N ILE A 419 23.25 7.12 3.35
CA ILE A 419 22.27 7.35 2.30
C ILE A 419 21.73 6.00 1.84
N GLY A 420 20.41 5.96 1.60
CA GLY A 420 19.80 4.76 1.09
C GLY A 420 19.34 3.79 2.15
N LEU A 421 19.33 2.50 1.81
CA LEU A 421 18.88 1.44 2.72
C LEU A 421 20.07 0.99 3.53
N VAL A 422 20.13 1.42 4.79
CA VAL A 422 21.24 1.14 5.70
C VAL A 422 20.71 0.27 6.83
N ASP A 423 21.10 -1.00 6.82
CA ASP A 423 20.60 -1.98 7.77
C ASP A 423 21.65 -3.07 7.96
N SER A 424 22.03 -3.32 9.21
CA SER A 424 23.09 -4.29 9.48
C SER A 424 22.67 -5.71 9.10
N SER A 425 21.38 -5.96 8.88
CA SER A 425 20.95 -7.28 8.44
C SER A 425 21.27 -7.52 6.97
N LEU A 426 21.50 -6.46 6.19
CA LEU A 426 21.86 -6.61 4.79
C LEU A 426 23.33 -7.01 4.67
N PRO A 427 23.71 -7.67 3.58
CA PRO A 427 25.14 -7.93 3.36
C PRO A 427 25.88 -6.62 3.12
N THR A 428 27.07 -6.52 3.73
CA THR A 428 27.86 -5.30 3.67
C THR A 428 29.29 -5.62 3.24
N VAL A 429 29.92 -4.64 2.61
CA VAL A 429 31.32 -4.69 2.24
C VAL A 429 31.96 -3.38 2.70
N GLY A 430 32.96 -3.48 3.58
CA GLY A 430 33.61 -2.30 4.13
C GLY A 430 35.05 -2.15 3.71
N VAL A 431 35.38 -1.01 3.09
CA VAL A 431 36.73 -0.68 2.67
C VAL A 431 37.23 0.46 3.55
N PHE A 432 38.25 0.20 4.36
CA PHE A 432 38.75 1.15 5.33
C PHE A 432 40.21 1.49 5.05
N ALA A 433 40.62 2.65 5.54
CA ALA A 433 42.00 3.12 5.38
C ALA A 433 42.54 3.58 6.73
N TYR A 484 42.37 2.02 12.29
CA TYR A 484 41.17 2.20 11.49
C TYR A 484 41.09 3.63 10.96
N GLY A 485 40.12 4.40 11.41
CA GLY A 485 40.05 5.81 11.08
C GLY A 485 38.93 6.23 10.15
N LYS A 486 38.99 5.83 8.88
CA LYS A 486 37.97 6.20 7.90
C LYS A 486 37.68 5.02 6.97
N GLY A 487 36.55 5.12 6.27
CA GLY A 487 36.18 4.08 5.33
C GLY A 487 34.75 4.25 4.85
N VAL A 488 34.37 3.35 3.95
CA VAL A 488 33.04 3.33 3.35
C VAL A 488 32.49 1.91 3.45
N ILE A 489 31.21 1.80 3.79
CA ILE A 489 30.53 0.50 3.91
C ILE A 489 29.36 0.48 2.92
N PHE A 490 29.40 -0.47 1.99
CA PHE A 490 28.35 -0.64 0.99
C PHE A 490 27.33 -1.67 1.47
N TYR A 491 26.05 -1.30 1.41
CA TYR A 491 24.95 -2.19 1.76
C TYR A 491 24.31 -2.72 0.48
N LEU A 492 24.28 -4.04 0.33
CA LEU A 492 23.98 -4.67 -0.95
C LEU A 492 22.63 -5.38 -0.92
N ARG A 493 21.98 -5.40 -2.09
CA ARG A 493 20.73 -6.14 -2.28
C ARG A 493 20.68 -6.58 -3.74
N ASP A 494 21.02 -7.85 -3.98
CA ASP A 494 21.02 -8.42 -5.33
C ASP A 494 22.19 -7.89 -6.16
N LYS A 495 23.37 -7.83 -5.54
CA LYS A 495 24.62 -7.39 -6.17
C LYS A 495 24.61 -5.90 -6.49
N VAL A 496 23.58 -5.16 -6.07
CA VAL A 496 23.47 -3.73 -6.30
C VAL A 496 23.63 -2.99 -4.99
N VAL A 497 24.37 -1.88 -5.01
CA VAL A 497 24.52 -1.05 -3.81
C VAL A 497 23.22 -0.28 -3.60
N VAL A 498 22.56 -0.53 -2.47
CA VAL A 498 21.34 0.18 -2.12
C VAL A 498 21.53 1.15 -0.97
N GLY A 499 22.68 1.11 -0.29
CA GLY A 499 22.96 2.05 0.78
C GLY A 499 24.44 2.16 1.01
N ILE A 500 24.87 3.33 1.49
CA ILE A 500 26.27 3.60 1.77
C ILE A 500 26.39 4.30 3.12
N VAL A 501 27.40 3.92 3.89
CA VAL A 501 27.79 4.62 5.11
C VAL A 501 29.20 5.16 4.92
N LEU A 502 29.37 6.46 5.09
CA LEU A 502 30.66 7.12 5.00
C LEU A 502 31.19 7.38 6.41
N TRP A 503 32.28 6.71 6.76
CA TRP A 503 32.88 6.79 8.09
C TRP A 503 34.01 7.79 8.08
N ASN A 504 33.79 8.96 8.69
CA ASN A 504 34.78 10.04 8.73
C ASN A 504 35.25 10.41 7.33
N ILE A 505 34.32 10.38 6.37
CA ILE A 505 34.55 10.85 5.01
C ILE A 505 33.47 11.88 4.70
N PHE A 506 33.87 13.12 4.44
CA PHE A 506 32.94 14.22 4.28
C PHE A 506 33.09 14.85 2.90
N ASN A 507 32.04 15.58 2.50
CA ASN A 507 32.00 16.30 1.23
C ASN A 507 32.01 15.35 0.03
N ARG A 508 31.47 14.14 0.19
CA ARG A 508 31.41 13.17 -0.89
C ARG A 508 30.04 12.52 -1.01
N MET A 509 29.02 13.10 -0.36
CA MET A 509 27.68 12.53 -0.45
C MET A 509 27.13 12.57 -1.87
N PRO A 510 27.41 13.58 -2.69
CA PRO A 510 26.96 13.52 -4.10
C PRO A 510 27.47 12.29 -4.84
N ILE A 511 28.67 11.81 -4.52
CA ILE A 511 29.20 10.61 -5.16
C ILE A 511 28.42 9.39 -4.70
N ALA A 512 28.17 9.28 -3.40
CA ALA A 512 27.38 8.18 -2.88
C ALA A 512 25.98 8.20 -3.47
N ARG A 513 25.38 9.40 -3.58
CA ARG A 513 24.04 9.49 -4.15
C ARG A 513 24.01 8.97 -5.58
N LYS A 514 25.06 9.24 -6.36
CA LYS A 514 25.09 8.80 -7.74
C LYS A 514 25.23 7.28 -7.83
N ILE A 515 26.03 6.68 -6.95
CA ILE A 515 26.19 5.23 -6.95
C ILE A 515 24.85 4.55 -6.70
N ILE A 516 24.06 5.08 -5.76
CA ILE A 516 22.76 4.48 -5.48
C ILE A 516 21.84 4.63 -6.68
N LYS A 517 21.86 5.82 -7.31
CA LYS A 517 20.98 6.09 -8.44
C LYS A 517 21.34 5.23 -9.65
N ASP A 518 22.63 5.14 -9.97
CA ASP A 518 23.04 4.43 -11.18
C ASP A 518 22.67 2.96 -11.14
N GLY A 519 22.65 2.35 -9.95
CA GLY A 519 22.21 0.97 -9.83
C GLY A 519 23.05 -0.01 -10.61
N GLU A 520 24.34 0.26 -10.77
CA GLU A 520 25.22 -0.65 -11.49
C GLU A 520 25.56 -1.87 -10.65
N GLN A 521 25.90 -2.95 -11.33
CA GLN A 521 26.45 -4.14 -10.69
C GLN A 521 27.97 -4.00 -10.73
N HIS A 522 28.57 -3.72 -9.58
CA HIS A 522 30.00 -3.45 -9.50
C HIS A 522 30.76 -4.75 -9.25
N GLU A 523 31.74 -5.03 -10.10
CA GLU A 523 32.53 -6.24 -9.95
C GLU A 523 33.62 -6.09 -8.88
N ASP A 524 34.11 -4.87 -8.67
CA ASP A 524 35.16 -4.62 -7.68
C ASP A 524 34.78 -3.38 -6.88
N LEU A 525 34.35 -3.58 -5.62
CA LEU A 525 34.00 -2.45 -4.78
C LEU A 525 35.22 -1.72 -4.23
N ASN A 526 36.40 -2.34 -4.27
CA ASN A 526 37.62 -1.61 -3.92
C ASN A 526 37.88 -0.48 -4.92
N GLU A 527 37.50 -0.68 -6.18
CA GLU A 527 37.64 0.38 -7.17
C GLU A 527 36.59 1.47 -6.95
N VAL A 528 35.40 1.10 -6.48
CA VAL A 528 34.39 2.11 -6.17
C VAL A 528 34.79 2.90 -4.93
N ALA A 529 35.49 2.26 -3.99
CA ALA A 529 35.94 2.97 -2.79
C ALA A 529 36.93 4.07 -3.14
N LYS A 530 37.65 3.92 -4.26
CA LYS A 530 38.59 4.97 -4.68
C LYS A 530 37.88 6.27 -4.97
N LEU A 531 36.60 6.22 -5.34
CA LEU A 531 35.83 7.45 -5.55
C LEU A 531 35.67 8.24 -4.25
N PHE A 532 35.92 7.62 -3.11
CA PHE A 532 35.87 8.29 -1.81
C PHE A 532 37.25 8.51 -1.24
N ASN A 533 38.28 8.48 -2.07
CA ASN A 533 39.66 8.72 -1.66
C ASN A 533 40.15 7.67 -0.66
N ILE A 534 39.66 6.44 -0.81
CA ILE A 534 40.08 5.30 -0.01
C ILE A 534 40.89 4.39 -0.93
N HIS A 535 42.20 4.38 -0.74
CA HIS A 535 43.09 3.58 -1.57
C HIS A 535 43.86 2.57 -0.74
N VAL A 540 39.59 -5.01 3.24
CA VAL A 540 38.17 -5.15 2.94
C VAL A 540 37.52 -6.16 3.87
N LEU A 541 36.49 -5.73 4.60
CA LEU A 541 35.76 -6.57 5.53
C LEU A 541 34.36 -6.85 5.00
N PHE A 542 33.82 -8.01 5.38
CA PHE A 542 32.51 -8.46 4.90
C PHE A 542 31.66 -8.85 6.09
N GLN A 543 30.40 -8.40 6.09
CA GLN A 543 29.45 -8.75 7.14
C GLN A 543 28.02 -8.47 6.70
N ALA B 52 -4.51 5.93 -35.31
CA ALA B 52 -4.31 6.21 -33.89
C ALA B 52 -3.76 7.63 -33.70
N PRO B 53 -4.39 8.44 -32.85
CA PRO B 53 -3.85 9.77 -32.58
C PRO B 53 -2.57 9.72 -31.76
N SER B 54 -1.80 10.81 -31.86
CA SER B 54 -0.57 10.95 -31.09
C SER B 54 -0.82 11.47 -29.68
N HIS B 55 -1.93 12.18 -29.47
CA HIS B 55 -2.32 12.68 -28.15
C HIS B 55 -3.82 12.48 -27.97
N VAL B 56 -4.22 12.10 -26.76
CA VAL B 56 -5.64 11.91 -26.45
C VAL B 56 -5.90 12.42 -25.04
N PRO B 57 -7.01 13.12 -24.77
CA PRO B 57 -7.25 13.57 -23.39
C PRO B 57 -7.42 12.42 -22.41
N PHE B 58 -8.24 11.43 -22.75
CA PHE B 58 -8.51 10.29 -21.88
C PHE B 58 -8.06 9.02 -22.58
N LEU B 59 -7.12 8.30 -21.96
CA LEU B 59 -6.62 7.03 -22.48
C LEU B 59 -6.94 5.94 -21.48
N LEU B 60 -7.68 4.93 -21.94
CA LEU B 60 -8.04 3.77 -21.13
C LEU B 60 -7.31 2.56 -21.70
N ILE B 61 -6.49 1.92 -20.86
CA ILE B 61 -5.69 0.78 -21.27
C ILE B 61 -6.47 -0.47 -20.90
N GLY B 62 -6.87 -1.22 -21.91
CA GLY B 62 -7.72 -2.39 -21.73
C GLY B 62 -9.12 -2.06 -22.20
N GLY B 63 -9.72 -3.00 -22.93
CA GLY B 63 -11.02 -2.76 -23.53
C GLY B 63 -12.09 -3.69 -23.00
N GLY B 64 -12.23 -3.76 -21.69
CA GLY B 64 -13.18 -4.66 -21.06
C GLY B 64 -14.30 -3.94 -20.33
N THR B 65 -14.85 -4.60 -19.30
CA THR B 65 -16.00 -4.07 -18.60
C THR B 65 -15.67 -2.75 -17.89
N ALA B 66 -14.54 -2.71 -17.18
CA ALA B 66 -14.19 -1.49 -16.43
C ALA B 66 -13.87 -0.34 -17.36
N ALA B 67 -13.17 -0.59 -18.46
CA ALA B 67 -12.86 0.48 -19.40
C ALA B 67 -14.11 1.07 -20.03
N PHE B 68 -15.05 0.21 -20.44
CA PHE B 68 -16.25 0.72 -21.08
C PHE B 68 -17.07 1.56 -20.11
N ALA B 69 -17.19 1.11 -18.85
CA ALA B 69 -17.94 1.86 -17.86
C ALA B 69 -17.28 3.21 -17.57
N ALA B 70 -15.95 3.26 -17.58
CA ALA B 70 -15.24 4.52 -17.38
C ALA B 70 -15.48 5.47 -18.55
N ALA B 71 -15.41 4.95 -19.77
CA ALA B 71 -15.66 5.79 -20.95
C ALA B 71 -17.07 6.39 -20.88
N ARG B 72 -18.05 5.58 -20.53
CA ARG B 72 -19.42 6.08 -20.41
C ARG B 72 -19.51 7.14 -19.32
N SER B 73 -18.79 6.93 -18.21
CA SER B 73 -18.82 7.86 -17.10
C SER B 73 -18.17 9.19 -17.49
N ILE B 74 -17.04 9.14 -18.18
CA ILE B 74 -16.36 10.35 -18.63
C ILE B 74 -17.26 11.15 -19.56
N ARG B 75 -17.91 10.48 -20.51
CA ARG B 75 -18.76 11.17 -21.47
C ARG B 75 -19.97 11.80 -20.79
N ALA B 76 -20.48 11.18 -19.73
CA ALA B 76 -21.64 11.74 -19.05
C ALA B 76 -21.29 13.01 -18.27
N ARG B 77 -20.06 13.09 -17.76
CA ARG B 77 -19.64 14.26 -17.00
C ARG B 77 -18.95 15.32 -17.86
N ASP B 78 -18.43 14.94 -19.02
CA ASP B 78 -17.78 15.87 -19.96
C ASP B 78 -18.31 15.52 -21.35
N PRO B 79 -19.50 16.03 -21.71
CA PRO B 79 -20.15 15.63 -22.98
C PRO B 79 -19.29 15.74 -24.23
N GLY B 80 -18.25 16.56 -24.20
CA GLY B 80 -17.36 16.72 -25.33
C GLY B 80 -16.10 15.89 -25.26
N ALA B 81 -15.96 15.02 -24.27
CA ALA B 81 -14.71 14.33 -24.05
C ALA B 81 -14.33 13.46 -25.25
N ARG B 82 -13.02 13.34 -25.46
CA ARG B 82 -12.44 12.46 -26.46
C ARG B 82 -11.71 11.35 -25.71
N VAL B 83 -12.24 10.13 -25.82
CA VAL B 83 -11.77 8.98 -25.06
C VAL B 83 -11.28 7.93 -26.04
N LEU B 84 -10.07 7.43 -25.81
CA LEU B 84 -9.49 6.35 -26.61
C LEU B 84 -9.29 5.12 -25.72
N ILE B 85 -9.85 4.00 -26.16
CA ILE B 85 -9.64 2.70 -25.54
C ILE B 85 -8.66 1.92 -26.40
N VAL B 86 -7.61 1.39 -25.78
CA VAL B 86 -6.64 0.53 -26.46
C VAL B 86 -6.82 -0.88 -25.93
N SER B 87 -7.18 -1.81 -26.81
CA SER B 87 -7.52 -3.17 -26.44
C SER B 87 -6.70 -4.14 -27.27
N GLU B 88 -6.00 -5.06 -26.59
CA GLU B 88 -5.20 -6.05 -27.31
C GLU B 88 -6.06 -7.07 -28.03
N ASP B 89 -7.30 -7.27 -27.62
CA ASP B 89 -8.21 -8.17 -28.29
C ASP B 89 -8.71 -7.57 -29.60
N PRO B 90 -9.14 -8.42 -30.55
CA PRO B 90 -9.75 -7.89 -31.78
C PRO B 90 -11.19 -7.45 -31.59
N GLU B 91 -11.80 -7.75 -30.44
CA GLU B 91 -13.20 -7.51 -30.21
C GLU B 91 -13.42 -6.14 -29.56
N LEU B 92 -14.58 -5.55 -29.85
CA LEU B 92 -15.01 -4.38 -29.11
C LEU B 92 -15.43 -4.81 -27.70
N PRO B 93 -15.53 -3.86 -26.77
CA PRO B 93 -15.82 -4.22 -25.37
C PRO B 93 -17.09 -5.06 -25.25
N TYR B 94 -16.99 -6.13 -24.46
CA TYR B 94 -18.12 -7.03 -24.25
C TYR B 94 -18.08 -7.58 -22.83
N MET B 95 -19.24 -8.03 -22.37
CA MET B 95 -19.40 -8.65 -21.05
C MET B 95 -19.09 -10.13 -21.14
N ARG B 96 -18.47 -10.66 -20.08
CA ARG B 96 -17.99 -12.04 -20.06
C ARG B 96 -18.94 -13.06 -19.42
N PRO B 97 -19.81 -12.68 -18.48
CA PRO B 97 -20.64 -13.68 -17.79
C PRO B 97 -21.36 -14.62 -18.74
N PRO B 98 -21.93 -14.12 -19.84
CA PRO B 98 -22.66 -15.03 -20.75
C PRO B 98 -21.79 -16.10 -21.37
N LEU B 99 -20.46 -15.93 -21.38
CA LEU B 99 -19.56 -16.90 -22.01
C LEU B 99 -19.56 -18.24 -21.31
N SER B 100 -19.97 -18.30 -20.03
CA SER B 100 -20.07 -19.57 -19.31
C SER B 100 -21.50 -19.92 -18.94
N LYS B 101 -22.49 -19.17 -19.44
CA LYS B 101 -23.86 -19.38 -19.04
C LYS B 101 -24.82 -19.29 -20.23
N GLU B 102 -25.45 -18.14 -20.44
CA GLU B 102 -26.57 -18.07 -21.38
C GLU B 102 -26.17 -18.47 -22.80
N LEU B 103 -24.93 -18.20 -23.22
CA LEU B 103 -24.55 -18.52 -24.59
C LEU B 103 -24.52 -20.02 -24.86
N TRP B 104 -24.45 -20.85 -23.81
CA TRP B 104 -24.47 -22.29 -23.97
C TRP B 104 -25.88 -22.87 -23.97
N PHE B 105 -26.87 -22.13 -23.45
CA PHE B 105 -28.24 -22.59 -23.34
C PHE B 105 -29.12 -22.01 -24.43
N SER B 106 -28.58 -21.82 -25.63
CA SER B 106 -29.31 -21.22 -26.74
C SER B 106 -29.64 -22.29 -27.77
N ASP B 107 -30.90 -22.34 -28.16
CA ASP B 107 -31.35 -23.24 -29.22
C ASP B 107 -30.98 -22.73 -30.61
N ASP B 108 -30.31 -21.59 -30.71
CA ASP B 108 -29.95 -21.03 -32.00
C ASP B 108 -28.65 -21.65 -32.48
N PRO B 109 -28.64 -22.39 -33.59
CA PRO B 109 -27.38 -22.99 -34.07
C PRO B 109 -26.31 -21.96 -34.44
N ASN B 110 -26.70 -20.75 -34.82
CA ASN B 110 -25.74 -19.68 -35.14
C ASN B 110 -25.35 -18.82 -33.95
N VAL B 111 -25.65 -19.25 -32.71
CA VAL B 111 -25.34 -18.42 -31.56
C VAL B 111 -23.85 -18.12 -31.50
N THR B 112 -23.02 -19.07 -31.94
CA THR B 112 -21.58 -18.87 -31.92
C THR B 112 -21.15 -17.70 -32.81
N LYS B 113 -21.92 -17.41 -33.87
CA LYS B 113 -21.60 -16.31 -34.77
C LYS B 113 -22.24 -15.00 -34.33
N THR B 114 -23.52 -15.03 -33.96
CA THR B 114 -24.21 -13.80 -33.59
C THR B 114 -23.79 -13.31 -32.22
N LEU B 115 -23.43 -14.23 -31.31
CA LEU B 115 -23.12 -13.89 -29.93
C LEU B 115 -24.26 -13.16 -29.25
N ARG B 116 -25.50 -13.50 -29.62
CA ARG B 116 -26.69 -13.02 -28.93
C ARG B 116 -27.28 -14.16 -28.09
N PHE B 117 -27.91 -13.79 -26.99
CA PHE B 117 -28.41 -14.77 -26.04
C PHE B 117 -29.70 -14.26 -25.40
N LYS B 118 -30.45 -15.20 -24.84
CA LYS B 118 -31.67 -14.88 -24.10
C LYS B 118 -31.42 -14.93 -22.60
N GLY B 122 -35.85 -13.60 -20.39
CA GLY B 122 -36.30 -14.02 -21.71
C GLY B 122 -35.90 -13.06 -22.81
N LYS B 123 -35.67 -11.80 -22.43
CA LYS B 123 -35.27 -10.79 -23.38
C LYS B 123 -33.92 -11.12 -24.01
N GLU B 124 -33.84 -11.01 -25.33
CA GLU B 124 -32.60 -11.28 -26.05
C GLU B 124 -31.75 -10.02 -26.10
N ARG B 125 -30.44 -10.20 -26.04
CA ARG B 125 -29.51 -9.07 -26.15
C ARG B 125 -28.16 -9.58 -26.60
N SER B 126 -27.29 -8.64 -26.94
CA SER B 126 -25.95 -8.93 -27.44
C SER B 126 -24.93 -8.94 -26.31
N ILE B 127 -23.84 -9.69 -26.53
CA ILE B 127 -22.76 -9.72 -25.55
C ILE B 127 -21.97 -8.42 -25.55
N TYR B 128 -22.02 -7.66 -26.64
CA TYR B 128 -21.31 -6.39 -26.71
C TYR B 128 -22.06 -5.31 -25.94
N PHE B 129 -21.30 -4.42 -25.29
CA PHE B 129 -21.93 -3.35 -24.52
C PHE B 129 -22.68 -2.39 -25.43
N GLN B 130 -22.13 -2.10 -26.61
CA GLN B 130 -22.73 -1.17 -27.56
C GLN B 130 -22.51 -1.67 -28.97
N PRO B 131 -23.39 -1.30 -29.91
CA PRO B 131 -23.13 -1.63 -31.31
C PRO B 131 -21.92 -0.88 -31.82
N PRO B 132 -21.27 -1.37 -32.88
CA PRO B 132 -20.10 -0.66 -33.39
C PRO B 132 -20.38 0.79 -33.78
N SER B 133 -21.62 1.11 -34.14
CA SER B 133 -21.96 2.47 -34.55
C SER B 133 -21.83 3.46 -33.42
N PHE B 134 -21.91 3.01 -32.17
CA PHE B 134 -21.79 3.89 -31.02
C PHE B 134 -20.40 4.53 -30.93
N TYR B 135 -19.40 3.90 -31.53
CA TYR B 135 -18.02 4.33 -31.42
C TYR B 135 -17.64 5.18 -32.63
N VAL B 136 -16.58 5.97 -32.48
CA VAL B 136 -16.01 6.72 -33.57
C VAL B 136 -14.63 6.14 -33.87
N SER B 137 -14.15 6.43 -35.08
CA SER B 137 -12.84 5.95 -35.49
C SER B 137 -11.74 6.61 -34.67
N ALA B 138 -10.62 5.91 -34.53
CA ALA B 138 -9.48 6.49 -33.82
C ALA B 138 -8.88 7.63 -34.64
N GLN B 139 -8.82 7.47 -35.97
CA GLN B 139 -8.31 8.54 -36.82
C GLN B 139 -9.13 9.80 -36.67
N ASP B 140 -10.46 9.67 -36.54
CA ASP B 140 -11.36 10.80 -36.47
C ASP B 140 -11.57 11.31 -35.04
N LEU B 141 -11.04 10.63 -34.03
CA LEU B 141 -11.28 11.05 -32.66
C LEU B 141 -10.83 12.47 -32.37
N PRO B 142 -9.70 12.95 -32.90
CA PRO B 142 -9.31 14.35 -32.63
C PRO B 142 -10.13 15.38 -33.40
N HIS B 143 -10.82 14.99 -34.47
CA HIS B 143 -11.51 15.95 -35.33
C HIS B 143 -13.02 15.97 -35.12
N ILE B 144 -13.61 14.86 -34.67
CA ILE B 144 -15.07 14.78 -34.59
C ILE B 144 -15.59 15.85 -33.65
N GLU B 145 -16.66 16.53 -34.08
CA GLU B 145 -17.29 17.54 -33.25
C GLU B 145 -18.02 16.87 -32.09
N ASN B 146 -17.84 17.43 -30.89
CA ASN B 146 -18.40 16.91 -29.65
C ASN B 146 -17.78 15.58 -29.24
N GLY B 147 -16.64 15.22 -29.84
CA GLY B 147 -15.85 14.10 -29.36
C GLY B 147 -16.57 12.77 -29.52
N GLY B 148 -16.16 11.81 -28.68
CA GLY B 148 -16.73 10.49 -28.74
C GLY B 148 -15.81 9.49 -28.05
N VAL B 149 -16.14 8.21 -28.27
CA VAL B 149 -15.35 7.09 -27.75
C VAL B 149 -14.88 6.25 -28.91
N ALA B 150 -13.57 6.04 -28.99
CA ALA B 150 -12.96 5.19 -30.01
C ALA B 150 -12.24 4.03 -29.33
N VAL B 151 -12.19 2.90 -30.03
CA VAL B 151 -11.49 1.71 -29.57
C VAL B 151 -10.44 1.34 -30.60
N LEU B 152 -9.21 1.20 -30.17
CA LEU B 152 -8.11 0.73 -31.01
C LEU B 152 -7.92 -0.75 -30.69
N THR B 153 -8.55 -1.61 -31.49
CA THR B 153 -8.50 -3.04 -31.25
C THR B 153 -7.23 -3.66 -31.83
N GLY B 154 -6.84 -4.80 -31.27
CA GLY B 154 -5.67 -5.50 -31.75
C GLY B 154 -4.35 -4.84 -31.43
N LYS B 155 -4.31 -3.95 -30.45
CA LYS B 155 -3.08 -3.26 -30.06
C LYS B 155 -2.90 -3.37 -28.55
N LYS B 156 -1.67 -3.66 -28.14
CA LYS B 156 -1.32 -3.85 -26.75
C LYS B 156 -0.38 -2.76 -26.28
N VAL B 157 -0.72 -2.13 -25.16
CA VAL B 157 0.22 -1.22 -24.51
C VAL B 157 1.32 -2.05 -23.85
N VAL B 158 2.55 -1.87 -24.31
CA VAL B 158 3.68 -2.64 -23.82
C VAL B 158 4.62 -1.83 -22.95
N GLN B 159 4.52 -0.50 -22.95
CA GLN B 159 5.38 0.33 -22.13
C GLN B 159 4.59 1.55 -21.67
N LEU B 160 4.80 1.93 -20.40
CA LEU B 160 4.15 3.08 -19.80
C LEU B 160 5.22 4.00 -19.25
N ASP B 161 5.18 5.27 -19.65
CA ASP B 161 6.14 6.28 -19.22
C ASP B 161 5.36 7.32 -18.42
N VAL B 162 5.40 7.19 -17.09
CA VAL B 162 4.60 8.07 -16.24
C VAL B 162 5.11 9.50 -16.28
N ARG B 163 6.44 9.67 -16.33
CA ARG B 163 7.00 11.02 -16.30
C ARG B 163 6.55 11.83 -17.50
N ASP B 164 6.57 11.23 -18.70
CA ASP B 164 6.23 11.92 -19.92
C ASP B 164 4.79 11.68 -20.36
N ASN B 165 3.97 11.04 -19.52
CA ASN B 165 2.56 10.79 -19.82
C ASN B 165 2.38 10.16 -21.19
N MET B 166 3.11 9.07 -21.42
CA MET B 166 3.15 8.44 -22.73
C MET B 166 3.09 6.92 -22.58
N VAL B 167 2.49 6.27 -23.58
CA VAL B 167 2.50 4.82 -23.69
C VAL B 167 3.07 4.48 -25.06
N LYS B 168 3.63 3.27 -25.16
CA LYS B 168 4.12 2.72 -26.42
C LYS B 168 3.37 1.43 -26.70
N LEU B 169 2.89 1.28 -27.93
CA LEU B 169 2.13 0.10 -28.34
C LEU B 169 3.06 -0.96 -28.92
N ASN B 170 2.52 -2.16 -29.08
CA ASN B 170 3.30 -3.27 -29.62
C ASN B 170 3.78 -2.99 -31.04
N ASP B 171 3.13 -2.09 -31.77
CA ASP B 171 3.53 -1.74 -33.12
C ASP B 171 4.51 -0.57 -33.17
N GLY B 172 4.97 -0.09 -32.01
CA GLY B 172 5.96 0.97 -31.95
C GLY B 172 5.40 2.38 -31.86
N SER B 173 4.12 2.57 -32.15
CA SER B 173 3.53 3.91 -32.08
C SER B 173 3.45 4.38 -30.63
N GLN B 174 3.48 5.69 -30.45
CA GLN B 174 3.45 6.30 -29.14
C GLN B 174 2.25 7.24 -29.03
N ILE B 175 1.64 7.27 -27.85
CA ILE B 175 0.47 8.10 -27.57
C ILE B 175 0.69 8.78 -26.23
N THR B 176 0.52 10.10 -26.20
CA THR B 176 0.51 10.86 -24.96
C THR B 176 -0.94 11.06 -24.50
N TYR B 177 -1.10 11.25 -23.19
CA TYR B 177 -2.41 11.38 -22.59
C TYR B 177 -2.39 12.49 -21.55
N GLU B 178 -3.58 12.93 -21.15
CA GLU B 178 -3.75 13.79 -19.99
C GLU B 178 -4.27 13.04 -18.78
N LYS B 179 -5.17 12.08 -18.98
CA LYS B 179 -5.68 11.23 -17.92
C LYS B 179 -5.70 9.78 -18.41
N CYS B 180 -5.21 8.87 -17.57
CA CYS B 180 -5.06 7.48 -17.95
C CYS B 180 -5.74 6.56 -16.94
N LEU B 181 -6.44 5.55 -17.47
CA LEU B 181 -6.98 4.47 -16.66
C LEU B 181 -6.33 3.17 -17.09
N ILE B 182 -5.77 2.44 -16.12
CA ILE B 182 -5.30 1.09 -16.35
C ILE B 182 -6.43 0.15 -15.94
N ALA B 183 -6.95 -0.61 -16.90
CA ALA B 183 -8.07 -1.51 -16.68
C ALA B 183 -7.81 -2.81 -17.44
N THR B 184 -6.66 -3.42 -17.15
CA THR B 184 -6.15 -4.54 -17.91
C THR B 184 -6.66 -5.89 -17.44
N GLY B 185 -7.43 -5.94 -16.35
CA GLY B 185 -7.98 -7.20 -15.91
C GLY B 185 -6.91 -8.20 -15.52
N GLY B 186 -7.11 -9.46 -15.92
CA GLY B 186 -6.18 -10.51 -15.59
C GLY B 186 -6.18 -11.62 -16.63
N THR B 187 -5.22 -12.54 -16.47
CA THR B 187 -5.05 -13.68 -17.34
C THR B 187 -5.29 -14.98 -16.56
N PRO B 188 -5.99 -15.96 -17.14
CA PRO B 188 -6.26 -17.19 -16.38
C PRO B 188 -4.99 -17.88 -15.94
N ARG B 189 -5.02 -18.41 -14.72
CA ARG B 189 -3.93 -19.24 -14.24
C ARG B 189 -3.96 -20.62 -14.89
N SER B 190 -2.82 -21.27 -14.89
CA SER B 190 -2.69 -22.66 -15.32
C SER B 190 -2.07 -23.50 -14.21
N LEU B 191 -2.25 -24.81 -14.30
CA LEU B 191 -1.67 -25.73 -13.33
C LEU B 191 -0.20 -25.96 -13.63
N SER B 192 0.60 -26.07 -12.56
CA SER B 192 1.99 -26.46 -12.74
C SER B 192 2.12 -27.83 -13.38
N ALA B 193 1.17 -28.73 -13.09
CA ALA B 193 1.20 -30.05 -13.70
C ALA B 193 1.01 -29.99 -15.20
N ILE B 194 0.22 -29.02 -15.68
CA ILE B 194 0.05 -28.85 -17.12
C ILE B 194 1.24 -28.10 -17.71
N ASP B 195 1.80 -27.15 -16.96
CA ASP B 195 2.94 -26.39 -17.46
C ASP B 195 4.15 -27.27 -17.69
N ARG B 196 4.40 -28.21 -16.77
CA ARG B 196 5.57 -29.08 -16.89
C ARG B 196 5.33 -30.27 -17.82
N ALA B 197 4.16 -30.37 -18.44
CA ALA B 197 3.90 -31.45 -19.38
C ALA B 197 4.39 -31.01 -20.77
N GLY B 198 4.02 -31.76 -21.80
CA GLY B 198 4.41 -31.44 -23.16
C GLY B 198 3.45 -30.48 -23.83
N ALA B 199 3.80 -30.13 -25.08
CA ALA B 199 2.96 -29.24 -25.87
C ALA B 199 1.66 -29.92 -26.28
N GLU B 200 1.65 -31.25 -26.33
CA GLU B 200 0.41 -31.95 -26.66
C GLU B 200 -0.62 -31.76 -25.56
N VAL B 201 -0.21 -31.89 -24.29
CA VAL B 201 -1.12 -31.60 -23.19
C VAL B 201 -1.57 -30.15 -23.23
N LYS B 202 -0.65 -29.22 -23.53
CA LYS B 202 -1.00 -27.81 -23.52
C LYS B 202 -1.95 -27.46 -24.67
N SER B 203 -1.75 -28.08 -25.84
CA SER B 203 -2.63 -27.80 -26.97
C SER B 203 -4.03 -28.34 -26.76
N ARG B 204 -4.20 -29.29 -25.85
CA ARG B 204 -5.50 -29.87 -25.51
C ARG B 204 -5.97 -29.39 -24.15
N THR B 205 -5.50 -28.22 -23.72
CA THR B 205 -5.90 -27.59 -22.47
C THR B 205 -6.40 -26.18 -22.75
N THR B 206 -7.61 -25.87 -22.30
CA THR B 206 -8.26 -24.60 -22.57
C THR B 206 -8.24 -23.72 -21.33
N LEU B 207 -7.80 -22.48 -21.49
CA LEU B 207 -7.93 -21.44 -20.48
C LEU B 207 -9.07 -20.53 -20.92
N PHE B 208 -10.14 -20.49 -20.13
CA PHE B 208 -11.40 -19.91 -20.56
C PHE B 208 -11.56 -18.48 -20.03
N ARG B 209 -11.65 -17.51 -20.95
CA ARG B 209 -11.91 -16.13 -20.54
C ARG B 209 -12.54 -15.29 -21.64
N LYS B 210 -12.23 -15.58 -22.90
CA LYS B 210 -12.56 -14.69 -24.01
C LYS B 210 -13.57 -15.34 -24.95
N ILE B 211 -14.07 -14.51 -25.89
CA ILE B 211 -14.95 -15.00 -26.93
C ILE B 211 -14.29 -16.15 -27.69
N GLY B 212 -13.00 -16.00 -28.02
CA GLY B 212 -12.30 -17.05 -28.72
C GLY B 212 -12.27 -18.36 -27.96
N ASP B 213 -12.23 -18.29 -26.62
CA ASP B 213 -12.25 -19.51 -25.82
C ASP B 213 -13.62 -20.15 -25.85
N PHE B 214 -14.68 -19.34 -25.85
CA PHE B 214 -16.03 -19.90 -25.97
C PHE B 214 -16.20 -20.66 -27.28
N ARG B 215 -15.73 -20.06 -28.38
CA ARG B 215 -15.89 -20.70 -29.69
C ARG B 215 -15.05 -21.95 -29.81
N SER B 216 -13.78 -21.90 -29.36
CA SER B 216 -12.93 -23.07 -29.49
C SER B 216 -13.42 -24.23 -28.63
N LEU B 217 -13.99 -23.93 -27.46
CA LEU B 217 -14.49 -25.00 -26.59
C LEU B 217 -15.83 -25.53 -27.08
N GLU B 218 -16.69 -24.64 -27.58
CA GLU B 218 -17.95 -25.08 -28.14
C GLU B 218 -17.72 -26.05 -29.30
N LYS B 219 -16.70 -25.78 -30.11
CA LYS B 219 -16.34 -26.68 -31.21
C LYS B 219 -15.79 -28.00 -30.67
N ILE B 220 -14.95 -27.94 -29.63
CA ILE B 220 -14.39 -29.16 -29.07
C ILE B 220 -15.49 -30.07 -28.54
N SER B 221 -16.53 -29.49 -27.93
CA SER B 221 -17.61 -30.29 -27.38
C SER B 221 -18.37 -31.05 -28.45
N ARG B 222 -18.24 -30.66 -29.72
CA ARG B 222 -18.90 -31.34 -30.82
C ARG B 222 -17.96 -32.29 -31.57
N GLU B 223 -16.71 -32.40 -31.14
CA GLU B 223 -15.72 -33.22 -31.80
C GLU B 223 -15.13 -34.32 -30.93
N VAL B 224 -14.97 -34.10 -29.64
CA VAL B 224 -14.43 -35.11 -28.74
C VAL B 224 -15.59 -35.71 -27.95
N LYS B 225 -15.33 -36.83 -27.28
CA LYS B 225 -16.35 -37.52 -26.49
C LYS B 225 -16.20 -37.31 -24.99
N SER B 226 -15.06 -36.79 -24.52
CA SER B 226 -14.82 -36.64 -23.09
C SER B 226 -14.05 -35.36 -22.83
N ILE B 227 -14.60 -34.50 -21.96
CA ILE B 227 -13.95 -33.29 -21.52
C ILE B 227 -13.85 -33.31 -20.01
N THR B 228 -12.68 -32.91 -19.49
CA THR B 228 -12.44 -32.86 -18.04
C THR B 228 -12.21 -31.42 -17.63
N ILE B 229 -12.98 -30.96 -16.65
CA ILE B 229 -12.83 -29.62 -16.09
C ILE B 229 -12.05 -29.74 -14.78
N ILE B 230 -10.97 -28.98 -14.67
CA ILE B 230 -10.14 -28.95 -13.46
C ILE B 230 -10.42 -27.62 -12.77
N GLY B 231 -11.09 -27.70 -11.62
CA GLY B 231 -11.47 -26.52 -10.87
C GLY B 231 -12.91 -26.60 -10.37
N GLY B 232 -13.13 -26.29 -9.10
CA GLY B 232 -14.45 -26.41 -8.51
C GLY B 232 -15.14 -25.10 -8.21
N GLY B 233 -14.52 -23.98 -8.59
CA GLY B 233 -15.09 -22.67 -8.36
C GLY B 233 -16.21 -22.31 -9.32
N PHE B 234 -16.48 -21.01 -9.43
CA PHE B 234 -17.56 -20.54 -10.30
C PHE B 234 -17.37 -21.02 -11.73
N LEU B 235 -16.21 -20.73 -12.32
CA LEU B 235 -15.99 -21.02 -13.73
C LEU B 235 -16.16 -22.52 -14.00
N GLY B 236 -15.44 -23.34 -13.25
CA GLY B 236 -15.51 -24.78 -13.47
C GLY B 236 -16.92 -25.32 -13.35
N SER B 237 -17.66 -24.86 -12.34
CA SER B 237 -18.99 -25.41 -12.11
C SER B 237 -19.99 -24.95 -13.17
N GLU B 238 -19.90 -23.69 -13.59
CA GLU B 238 -20.81 -23.22 -14.63
C GLU B 238 -20.53 -23.90 -15.97
N LEU B 239 -19.25 -24.08 -16.31
CA LEU B 239 -18.92 -24.79 -17.54
C LEU B 239 -19.36 -26.25 -17.47
N ALA B 240 -19.32 -26.86 -16.29
CA ALA B 240 -19.78 -28.24 -16.17
C ALA B 240 -21.27 -28.36 -16.51
N CYS B 241 -22.09 -27.45 -15.96
CA CYS B 241 -23.51 -27.47 -16.29
C CYS B 241 -23.72 -27.17 -17.76
N ALA B 242 -22.93 -26.27 -18.33
CA ALA B 242 -23.07 -25.93 -19.74
C ALA B 242 -22.63 -27.09 -20.63
N LEU B 243 -21.43 -27.63 -20.39
CA LEU B 243 -20.95 -28.77 -21.17
C LEU B 243 -21.78 -30.01 -20.90
N GLY B 244 -22.33 -30.15 -19.70
CA GLY B 244 -23.19 -31.29 -19.41
C GLY B 244 -24.47 -31.25 -20.21
N ARG B 245 -25.03 -30.06 -20.41
CA ARG B 245 -26.22 -29.91 -21.25
C ARG B 245 -25.92 -30.33 -22.69
N LYS B 246 -24.79 -29.88 -23.23
CA LYS B 246 -24.41 -30.29 -24.58
C LYS B 246 -24.16 -31.79 -24.66
N ALA B 247 -23.66 -32.37 -23.56
CA ALA B 247 -23.26 -33.77 -23.58
C ALA B 247 -24.47 -34.71 -23.53
N ARG B 248 -25.56 -34.30 -22.89
CA ARG B 248 -26.75 -35.15 -22.85
C ARG B 248 -27.32 -35.37 -24.24
N ALA B 249 -27.29 -34.33 -25.09
CA ALA B 249 -27.85 -34.45 -26.42
C ALA B 249 -26.96 -35.31 -27.33
N LEU B 250 -25.65 -35.23 -27.15
CA LEU B 250 -24.70 -36.00 -27.94
C LEU B 250 -24.32 -37.33 -27.30
N GLY B 251 -24.72 -37.56 -26.04
CA GLY B 251 -24.35 -38.79 -25.36
C GLY B 251 -22.90 -38.87 -24.96
N THR B 252 -22.26 -37.73 -24.69
CA THR B 252 -20.84 -37.67 -24.39
C THR B 252 -20.63 -37.48 -22.88
N GLU B 253 -19.37 -37.33 -22.49
CA GLU B 253 -18.96 -37.35 -21.09
C GLU B 253 -18.35 -36.02 -20.68
N VAL B 254 -18.72 -35.56 -19.49
CA VAL B 254 -18.11 -34.39 -18.87
C VAL B 254 -17.69 -34.78 -17.46
N ILE B 255 -16.43 -34.50 -17.13
CA ILE B 255 -15.86 -34.77 -15.82
C ILE B 255 -15.43 -33.45 -15.21
N GLN B 256 -15.67 -33.28 -13.92
CA GLN B 256 -15.17 -32.13 -13.16
C GLN B 256 -14.48 -32.65 -11.92
N LEU B 257 -13.22 -32.26 -11.73
CA LEU B 257 -12.46 -32.65 -10.54
C LEU B 257 -11.86 -31.42 -9.89
N PHE B 258 -11.71 -31.49 -8.58
CA PHE B 258 -11.19 -30.39 -7.79
C PHE B 258 -10.75 -30.92 -6.44
N PRO B 259 -9.87 -30.21 -5.73
CA PRO B 259 -9.35 -30.72 -4.45
C PRO B 259 -10.30 -30.61 -3.29
N GLU B 260 -11.29 -29.72 -3.35
CA GLU B 260 -12.21 -29.52 -2.25
C GLU B 260 -13.17 -30.71 -2.14
N LYS B 261 -13.92 -30.73 -1.02
CA LYS B 261 -14.90 -31.80 -0.83
C LYS B 261 -16.12 -31.64 -1.73
N GLY B 262 -16.37 -30.43 -2.24
CA GLY B 262 -17.53 -30.22 -3.09
C GLY B 262 -17.39 -28.93 -3.87
N ASN B 263 -18.28 -28.78 -4.85
CA ASN B 263 -18.29 -27.60 -5.68
C ASN B 263 -18.45 -26.34 -4.83
N MET B 264 -17.75 -25.27 -5.22
CA MET B 264 -17.82 -23.99 -4.52
C MET B 264 -17.44 -24.16 -3.06
N GLY B 265 -16.50 -25.07 -2.78
CA GLY B 265 -16.18 -25.40 -1.40
C GLY B 265 -15.51 -24.27 -0.63
N LYS B 266 -14.81 -23.38 -1.33
CA LYS B 266 -14.18 -22.25 -0.67
C LYS B 266 -15.16 -21.15 -0.30
N ILE B 267 -16.41 -21.24 -0.76
CA ILE B 267 -17.38 -20.17 -0.65
C ILE B 267 -18.63 -20.62 0.10
N LEU B 268 -19.18 -21.79 -0.27
CA LEU B 268 -20.41 -22.23 0.36
C LEU B 268 -20.12 -23.21 1.49
N PRO B 269 -20.95 -23.24 2.53
CA PRO B 269 -20.79 -24.25 3.58
C PRO B 269 -20.91 -25.66 3.01
N GLU B 270 -20.37 -26.62 3.76
CA GLU B 270 -20.24 -27.99 3.26
C GLU B 270 -21.59 -28.56 2.81
N TYR B 271 -22.64 -28.34 3.60
CA TYR B 271 -23.93 -28.95 3.26
C TYR B 271 -24.46 -28.40 1.95
N LEU B 272 -24.30 -27.09 1.72
CA LEU B 272 -24.77 -26.49 0.48
C LEU B 272 -23.82 -26.78 -0.68
N SER B 273 -22.52 -26.87 -0.39
CA SER B 273 -21.56 -27.29 -1.41
C SER B 273 -21.87 -28.69 -1.90
N ASN B 274 -22.25 -29.59 -0.97
CA ASN B 274 -22.60 -30.95 -1.36
C ASN B 274 -23.90 -30.98 -2.15
N TRP B 275 -24.90 -30.22 -1.72
CA TRP B 275 -26.12 -30.09 -2.50
C TRP B 275 -25.80 -29.63 -3.92
N THR B 276 -24.89 -28.66 -4.04
CA THR B 276 -24.49 -28.15 -5.35
C THR B 276 -23.82 -29.23 -6.18
N MET B 277 -22.95 -30.03 -5.54
CA MET B 277 -22.27 -31.09 -6.26
C MET B 277 -23.27 -32.12 -6.80
N GLU B 278 -24.32 -32.40 -6.03
CA GLU B 278 -25.35 -33.33 -6.48
C GLU B 278 -26.19 -32.72 -7.60
N LYS B 279 -26.43 -31.41 -7.56
CA LYS B 279 -27.14 -30.75 -8.66
C LYS B 279 -26.33 -30.85 -9.95
N VAL B 280 -25.03 -30.61 -9.87
CA VAL B 280 -24.18 -30.73 -11.06
C VAL B 280 -24.17 -32.17 -11.55
N ARG B 281 -24.19 -33.13 -10.63
CA ARG B 281 -24.24 -34.54 -11.04
C ARG B 281 -25.54 -34.85 -11.76
N ARG B 282 -26.65 -34.23 -11.35
CA ARG B 282 -27.91 -34.44 -12.03
C ARG B 282 -27.94 -33.84 -13.42
N GLU B 283 -26.95 -33.01 -13.77
CA GLU B 283 -26.81 -32.50 -15.13
C GLU B 283 -26.02 -33.44 -16.03
N GLY B 284 -25.66 -34.63 -15.53
CA GLY B 284 -24.91 -35.58 -16.31
C GLY B 284 -23.41 -35.48 -16.19
N VAL B 285 -22.91 -34.90 -15.11
CA VAL B 285 -21.48 -34.65 -14.93
C VAL B 285 -20.92 -35.62 -13.90
N LYS B 286 -19.71 -36.13 -14.17
CA LYS B 286 -18.98 -36.94 -13.21
C LYS B 286 -18.08 -36.03 -12.39
N VAL B 287 -18.46 -35.79 -11.14
CA VAL B 287 -17.74 -34.88 -10.25
C VAL B 287 -16.82 -35.72 -9.36
N MET B 288 -15.53 -35.40 -9.36
CA MET B 288 -14.51 -36.10 -8.57
C MET B 288 -13.94 -35.14 -7.54
N PRO B 289 -14.52 -35.04 -6.34
CA PRO B 289 -13.93 -34.19 -5.30
C PRO B 289 -12.70 -34.83 -4.70
N ASN B 290 -12.00 -34.04 -3.88
CA ASN B 290 -10.80 -34.50 -3.17
C ASN B 290 -9.71 -34.94 -4.14
N ALA B 291 -9.65 -34.32 -5.31
CA ALA B 291 -8.72 -34.70 -6.37
C ALA B 291 -7.66 -33.62 -6.54
N ILE B 292 -6.40 -34.00 -6.34
CA ILE B 292 -5.25 -33.13 -6.57
C ILE B 292 -4.45 -33.71 -7.73
N VAL B 293 -4.20 -32.90 -8.76
CA VAL B 293 -3.48 -33.38 -9.93
C VAL B 293 -2.00 -33.47 -9.60
N GLN B 294 -1.42 -34.66 -9.78
CA GLN B 294 0.01 -34.88 -9.64
C GLN B 294 0.74 -34.73 -10.96
N SER B 295 0.15 -35.22 -12.05
CA SER B 295 0.77 -35.13 -13.37
C SER B 295 -0.28 -35.35 -14.43
N VAL B 296 0.05 -34.93 -15.64
CA VAL B 296 -0.79 -35.12 -16.82
C VAL B 296 0.10 -35.54 -17.97
N GLY B 297 -0.33 -36.56 -18.72
CA GLY B 297 0.43 -37.03 -19.85
C GLY B 297 -0.48 -37.52 -20.96
N VAL B 298 0.14 -37.86 -22.09
CA VAL B 298 -0.55 -38.43 -23.23
C VAL B 298 -0.23 -39.92 -23.28
N SER B 299 -1.27 -40.74 -23.40
CA SER B 299 -1.12 -42.20 -23.42
C SER B 299 -2.11 -42.74 -24.45
N SER B 300 -1.58 -43.26 -25.55
CA SER B 300 -2.41 -43.87 -26.60
C SER B 300 -3.33 -42.83 -27.23
N GLY B 301 -2.85 -41.59 -27.36
CA GLY B 301 -3.64 -40.50 -27.89
C GLY B 301 -4.59 -39.83 -26.93
N LYS B 302 -4.85 -40.43 -25.76
CA LYS B 302 -5.75 -39.87 -24.78
C LYS B 302 -4.96 -39.08 -23.75
N LEU B 303 -5.64 -38.15 -23.08
CA LEU B 303 -5.04 -37.46 -21.95
C LEU B 303 -5.22 -38.31 -20.70
N LEU B 304 -4.14 -38.48 -19.95
CA LEU B 304 -4.13 -39.29 -18.75
C LEU B 304 -3.75 -38.40 -17.58
N ILE B 305 -4.69 -38.19 -16.66
CA ILE B 305 -4.50 -37.35 -15.49
C ILE B 305 -4.22 -38.28 -14.31
N LYS B 306 -3.04 -38.12 -13.70
CA LYS B 306 -2.68 -38.89 -12.51
C LYS B 306 -2.91 -38.02 -11.29
N LEU B 307 -3.70 -38.53 -10.35
CA LEU B 307 -4.02 -37.82 -9.12
C LEU B 307 -3.10 -38.28 -8.00
N LYS B 308 -2.94 -37.40 -7.01
CA LYS B 308 -2.05 -37.70 -5.88
C LYS B 308 -2.55 -38.89 -5.08
N ASP B 309 -3.87 -39.11 -5.01
CA ASP B 309 -4.41 -40.21 -4.24
C ASP B 309 -4.35 -41.54 -4.97
N GLY B 310 -3.84 -41.57 -6.21
CA GLY B 310 -3.65 -42.79 -6.96
C GLY B 310 -4.61 -42.99 -8.11
N ARG B 311 -5.73 -42.28 -8.12
CA ARG B 311 -6.70 -42.43 -9.19
C ARG B 311 -6.17 -41.86 -10.50
N LYS B 312 -6.71 -42.37 -11.61
CA LYS B 312 -6.32 -41.95 -12.94
C LYS B 312 -7.57 -41.68 -13.76
N VAL B 313 -7.52 -40.64 -14.59
CA VAL B 313 -8.65 -40.17 -15.38
C VAL B 313 -8.21 -40.09 -16.84
N GLU B 314 -8.90 -40.81 -17.71
CA GLU B 314 -8.68 -40.73 -19.15
C GLU B 314 -9.73 -39.80 -19.76
N THR B 315 -9.28 -38.89 -20.62
CA THR B 315 -10.16 -37.90 -21.21
C THR B 315 -9.51 -37.39 -22.49
N ASP B 316 -10.29 -36.65 -23.27
CA ASP B 316 -9.84 -36.12 -24.56
C ASP B 316 -9.41 -34.66 -24.50
N HIS B 317 -9.92 -33.89 -23.55
CA HIS B 317 -9.64 -32.47 -23.48
C HIS B 317 -9.77 -32.01 -22.04
N ILE B 318 -8.95 -31.02 -21.68
CA ILE B 318 -8.92 -30.47 -20.33
C ILE B 318 -9.30 -29.00 -20.40
N VAL B 319 -10.15 -28.56 -19.48
CA VAL B 319 -10.44 -27.15 -19.25
C VAL B 319 -9.91 -26.79 -17.88
N ALA B 320 -8.94 -25.89 -17.83
CA ALA B 320 -8.36 -25.45 -16.57
C ALA B 320 -9.14 -24.23 -16.09
N ALA B 321 -9.75 -24.36 -14.91
CA ALA B 321 -10.52 -23.27 -14.29
C ALA B 321 -10.00 -23.07 -12.87
N VAL B 322 -8.77 -22.55 -12.76
CA VAL B 322 -8.08 -22.45 -11.48
C VAL B 322 -7.64 -21.02 -11.18
N GLY B 323 -8.50 -20.04 -11.46
CA GLY B 323 -8.27 -18.69 -10.99
C GLY B 323 -7.64 -17.77 -12.02
N LEU B 324 -7.32 -16.57 -11.54
CA LEU B 324 -6.93 -15.45 -12.39
C LEU B 324 -5.65 -14.80 -11.87
N GLU B 325 -4.81 -14.36 -12.81
CA GLU B 325 -3.61 -13.61 -12.48
C GLU B 325 -3.78 -12.17 -12.95
N PRO B 326 -3.74 -11.17 -12.06
CA PRO B 326 -3.88 -9.78 -12.52
C PRO B 326 -2.80 -9.40 -13.52
N ASN B 327 -3.19 -8.67 -14.56
CA ASN B 327 -2.27 -8.22 -15.61
C ASN B 327 -1.56 -6.96 -15.12
N VAL B 328 -0.37 -7.13 -14.55
CA VAL B 328 0.39 -6.03 -13.97
C VAL B 328 1.72 -5.83 -14.68
N GLU B 329 1.84 -6.30 -15.93
CA GLU B 329 3.09 -6.16 -16.65
C GLU B 329 3.52 -4.71 -16.79
N LEU B 330 2.56 -3.78 -16.92
CA LEU B 330 2.91 -2.38 -17.12
C LEU B 330 3.49 -1.73 -15.87
N ALA B 331 3.45 -2.41 -14.71
CA ALA B 331 4.00 -1.80 -13.49
C ALA B 331 5.51 -1.67 -13.56
N LYS B 332 6.19 -2.56 -14.29
CA LYS B 332 7.64 -2.51 -14.36
C LYS B 332 8.10 -1.20 -14.99
N THR B 333 7.77 -1.00 -16.28
CA THR B 333 8.18 0.23 -16.96
C THR B 333 7.53 1.46 -16.34
N GLY B 334 6.31 1.33 -15.84
CA GLY B 334 5.60 2.47 -15.28
C GLY B 334 6.07 2.90 -13.91
N GLY B 335 6.88 2.09 -13.23
CA GLY B 335 7.27 2.41 -11.87
C GLY B 335 6.10 2.45 -10.92
N LEU B 336 5.10 1.61 -11.14
CA LEU B 336 3.90 1.59 -10.32
C LEU B 336 4.00 0.47 -9.30
N GLU B 337 3.40 0.69 -8.14
CA GLU B 337 3.48 -0.27 -7.04
C GLU B 337 2.47 -1.39 -7.24
N ILE B 338 2.90 -2.61 -6.95
CA ILE B 338 2.05 -3.79 -6.93
C ILE B 338 1.83 -4.20 -5.48
N ASP B 339 0.68 -4.79 -5.20
CA ASP B 339 0.37 -5.28 -3.86
C ASP B 339 0.79 -6.74 -3.76
N SER B 340 1.73 -7.03 -2.84
CA SER B 340 2.24 -8.38 -2.68
C SER B 340 1.28 -9.29 -1.93
N ASP B 341 0.34 -8.73 -1.15
CA ASP B 341 -0.62 -9.56 -0.44
C ASP B 341 -1.78 -9.98 -1.34
N PHE B 342 -2.37 -9.03 -2.06
CA PHE B 342 -3.56 -9.30 -2.87
C PHE B 342 -3.31 -9.36 -4.36
N GLY B 343 -2.12 -8.99 -4.83
CA GLY B 343 -1.89 -8.82 -6.25
C GLY B 343 -2.53 -7.56 -6.78
N GLY B 344 -2.13 -7.19 -8.00
CA GLY B 344 -2.69 -6.05 -8.69
C GLY B 344 -1.94 -4.75 -8.41
N PHE B 345 -2.37 -3.70 -9.11
CA PHE B 345 -1.84 -2.37 -8.88
C PHE B 345 -2.38 -1.80 -7.57
N ARG B 346 -1.49 -1.32 -6.71
CA ARG B 346 -1.91 -0.71 -5.45
C ARG B 346 -2.37 0.73 -5.71
N VAL B 347 -3.63 1.01 -5.39
CA VAL B 347 -4.23 2.33 -5.53
C VAL B 347 -4.93 2.68 -4.22
N ASN B 348 -5.28 3.96 -4.08
CA ASN B 348 -5.90 4.43 -2.86
C ASN B 348 -7.42 4.30 -2.97
N ALA B 349 -8.15 4.93 -2.04
CA ALA B 349 -9.60 4.81 -1.99
C ALA B 349 -10.27 5.42 -3.21
N GLU B 350 -9.62 6.37 -3.87
CA GLU B 350 -10.15 7.00 -5.07
C GLU B 350 -9.72 6.27 -6.34
N LEU B 351 -9.08 5.11 -6.19
CA LEU B 351 -8.62 4.27 -7.30
C LEU B 351 -7.47 4.91 -8.07
N GLN B 352 -6.78 5.85 -7.44
CA GLN B 352 -5.71 6.59 -8.09
C GLN B 352 -4.37 5.97 -7.74
N ALA B 353 -3.49 5.86 -8.73
CA ALA B 353 -2.13 5.37 -8.54
C ALA B 353 -1.12 6.51 -8.50
N ARG B 354 -1.22 7.44 -9.45
CA ARG B 354 -0.37 8.61 -9.54
C ARG B 354 -1.24 9.78 -9.98
N SER B 355 -0.61 10.95 -10.17
CA SER B 355 -1.37 12.18 -10.33
C SER B 355 -2.41 12.08 -11.44
N ASN B 356 -2.09 11.38 -12.53
CA ASN B 356 -3.01 11.28 -13.66
C ASN B 356 -3.24 9.84 -14.10
N ILE B 357 -3.11 8.88 -13.18
CA ILE B 357 -3.29 7.47 -13.50
C ILE B 357 -4.19 6.84 -12.45
N TRP B 358 -5.28 6.22 -12.90
CA TRP B 358 -6.18 5.45 -12.06
C TRP B 358 -6.18 4.00 -12.53
N VAL B 359 -6.68 3.11 -11.68
CA VAL B 359 -6.79 1.69 -12.00
C VAL B 359 -8.15 1.20 -11.54
N ALA B 360 -8.79 0.37 -12.36
CA ALA B 360 -10.12 -0.14 -12.04
C ALA B 360 -10.23 -1.61 -12.43
N GLY B 361 -11.27 -2.27 -11.91
CA GLY B 361 -11.59 -3.63 -12.29
C GLY B 361 -10.76 -4.67 -11.54
N ASP B 362 -10.64 -5.84 -12.18
CA ASP B 362 -9.93 -6.97 -11.56
C ASP B 362 -8.51 -6.61 -11.18
N ALA B 363 -7.89 -5.69 -11.91
CA ALA B 363 -6.47 -5.39 -11.70
C ALA B 363 -6.24 -4.40 -10.58
N ALA B 364 -7.29 -3.85 -9.98
CA ALA B 364 -7.15 -2.78 -8.99
C ALA B 364 -7.22 -3.28 -7.56
N CSX B 365 -6.09 -3.22 -6.87
CA CSX B 365 -6.07 -3.33 -5.43
CB CSX B 365 -4.78 -4.00 -4.95
SG CSX B 365 -4.75 -4.32 -3.22
C CSX B 365 -6.21 -1.96 -4.79
O CSX B 365 -5.35 -1.09 -4.83
OD CSX B 365 -3.49 -3.65 -2.79
H CSX B 365 -5.17 -3.09 -7.25
HA CSX B 365 -6.92 -4.00 -5.07
HB2 CSX B 365 -3.92 -3.34 -5.20
HB3 CSX B 365 -4.64 -4.97 -5.48
HG CSX B 365 -5.70 -3.53 -2.84
N PHE B 366 -7.36 -1.78 -4.13
CA PHE B 366 -7.76 -0.48 -3.61
C PHE B 366 -7.96 -0.49 -2.10
N TYR B 367 -8.03 0.70 -1.51
CA TYR B 367 -8.29 0.84 -0.07
C TYR B 367 -9.76 1.12 0.14
N ASP B 368 -10.44 0.21 0.84
CA ASP B 368 -11.81 0.42 1.27
C ASP B 368 -11.78 1.09 2.63
N ILE B 369 -12.32 2.31 2.70
CA ILE B 369 -12.24 3.09 3.92
C ILE B 369 -12.87 2.36 5.09
N LYS B 370 -13.83 1.48 4.84
CA LYS B 370 -14.50 0.73 5.89
C LYS B 370 -13.91 -0.66 6.12
N LEU B 371 -13.54 -1.37 5.05
CA LEU B 371 -13.12 -2.76 5.16
C LEU B 371 -11.63 -2.97 5.03
N GLY B 372 -10.87 -1.96 4.64
CA GLY B 372 -9.45 -2.16 4.45
C GLY B 372 -9.13 -2.48 3.00
N ARG B 373 -7.85 -2.78 2.78
CA ARG B 373 -7.35 -3.02 1.43
C ARG B 373 -7.88 -4.35 0.88
N ARG B 374 -8.30 -4.34 -0.37
CA ARG B 374 -8.87 -5.53 -1.00
C ARG B 374 -8.70 -5.45 -2.51
N ARG B 375 -8.91 -6.59 -3.15
CA ARG B 375 -9.05 -6.68 -4.60
C ARG B 375 -10.22 -7.59 -4.91
N VAL B 376 -11.05 -7.18 -5.86
CA VAL B 376 -12.33 -7.84 -6.17
C VAL B 376 -12.35 -8.18 -7.65
N GLU B 377 -12.87 -9.38 -7.97
CA GLU B 377 -13.00 -9.82 -9.35
C GLU B 377 -14.46 -10.13 -9.69
N HIS B 378 -15.31 -9.10 -9.64
CA HIS B 378 -16.74 -9.24 -9.95
C HIS B 378 -17.10 -8.36 -11.14
N HIS B 379 -18.11 -8.81 -11.90
CA HIS B 379 -18.62 -7.99 -12.99
C HIS B 379 -19.15 -6.66 -12.47
N ASP B 380 -19.95 -6.71 -11.41
CA ASP B 380 -20.54 -5.50 -10.85
C ASP B 380 -19.46 -4.54 -10.36
N HIS B 381 -18.40 -5.09 -9.76
CA HIS B 381 -17.30 -4.25 -9.29
C HIS B 381 -16.57 -3.56 -10.44
N ALA B 382 -16.37 -4.27 -11.54
CA ALA B 382 -15.73 -3.65 -12.70
C ALA B 382 -16.55 -2.48 -13.23
N VAL B 383 -17.88 -2.62 -13.23
CA VAL B 383 -18.73 -1.53 -13.70
C VAL B 383 -18.67 -0.35 -12.74
N VAL B 384 -18.81 -0.62 -11.44
CA VAL B 384 -18.86 0.46 -10.46
C VAL B 384 -17.51 1.15 -10.36
N SER B 385 -16.43 0.38 -10.26
CA SER B 385 -15.10 0.99 -10.12
C SER B 385 -14.69 1.69 -11.41
N GLY B 386 -15.06 1.14 -12.57
CA GLY B 386 -14.81 1.85 -13.82
C GLY B 386 -15.56 3.16 -13.88
N ARG B 387 -16.83 3.16 -13.46
CA ARG B 387 -17.60 4.39 -13.42
C ARG B 387 -16.99 5.39 -12.45
N LEU B 388 -16.66 4.93 -11.24
CA LEU B 388 -16.03 5.81 -10.26
C LEU B 388 -14.74 6.40 -10.82
N ALA B 389 -13.89 5.55 -11.42
CA ALA B 389 -12.64 6.05 -11.98
C ALA B 389 -12.90 7.12 -13.03
N GLY B 390 -13.89 6.90 -13.91
CA GLY B 390 -14.22 7.91 -14.88
C GLY B 390 -14.60 9.23 -14.24
N GLU B 391 -15.37 9.18 -13.15
CA GLU B 391 -15.77 10.40 -12.46
C GLU B 391 -14.57 11.09 -11.82
N ASN B 392 -13.64 10.33 -11.24
CA ASN B 392 -12.47 10.96 -10.64
C ASN B 392 -11.50 11.46 -11.70
N MET B 393 -11.51 10.86 -12.89
CA MET B 393 -10.73 11.40 -14.00
C MET B 393 -11.32 12.71 -14.51
N THR B 394 -12.53 13.06 -14.08
CA THR B 394 -13.15 14.34 -14.41
C THR B 394 -13.40 15.19 -13.16
N GLY B 395 -12.59 14.99 -12.12
CA GLY B 395 -12.52 15.93 -11.00
C GLY B 395 -13.32 15.58 -9.77
N ALA B 396 -13.90 14.39 -9.68
CA ALA B 396 -14.86 14.11 -8.61
C ALA B 396 -14.18 13.95 -7.25
N ALA B 397 -13.02 13.29 -7.22
CA ALA B 397 -12.30 13.04 -5.96
C ALA B 397 -13.17 12.28 -4.96
N LYS B 398 -13.83 11.22 -5.43
CA LYS B 398 -14.72 10.44 -4.59
C LYS B 398 -14.10 9.09 -4.23
N PRO B 399 -14.30 8.61 -3.00
CA PRO B 399 -13.78 7.29 -2.63
C PRO B 399 -14.72 6.18 -3.06
N TYR B 400 -14.13 5.00 -3.30
CA TYR B 400 -14.92 3.81 -3.58
C TYR B 400 -15.79 3.46 -2.37
N TRP B 401 -17.11 3.51 -2.56
CA TRP B 401 -18.10 3.41 -1.50
C TRP B 401 -19.20 2.47 -2.02
N HIS B 402 -18.92 1.17 -2.04
CA HIS B 402 -19.87 0.24 -2.62
C HIS B 402 -19.56 -1.23 -2.35
N GLN B 403 -20.51 -1.94 -1.75
CA GLN B 403 -20.38 -3.38 -1.58
C GLN B 403 -20.81 -4.01 -2.90
N SER B 404 -19.88 -4.62 -3.61
CA SER B 404 -20.23 -5.23 -4.87
C SER B 404 -20.90 -6.58 -4.64
N MET B 405 -21.80 -6.92 -5.54
CA MET B 405 -22.47 -8.21 -5.49
C MET B 405 -21.89 -9.07 -6.61
N PHE B 406 -22.07 -10.37 -6.47
CA PHE B 406 -21.77 -11.29 -7.54
C PHE B 406 -22.86 -12.36 -7.57
N TRP B 407 -22.92 -13.08 -8.69
CA TRP B 407 -23.95 -14.08 -8.88
C TRP B 407 -23.37 -15.25 -9.66
N SER B 408 -24.08 -16.37 -9.59
CA SER B 408 -23.72 -17.54 -10.37
C SER B 408 -24.99 -18.32 -10.67
N ASP B 409 -25.06 -18.86 -11.87
CA ASP B 409 -26.19 -19.68 -12.30
C ASP B 409 -25.64 -21.03 -12.72
N LEU B 410 -26.16 -22.09 -12.10
CA LEU B 410 -25.82 -23.45 -12.49
C LEU B 410 -27.01 -24.06 -13.22
N GLY B 411 -27.38 -23.42 -14.33
CA GLY B 411 -28.59 -23.74 -15.05
C GLY B 411 -29.63 -22.66 -14.86
N PRO B 412 -30.78 -22.79 -15.54
CA PRO B 412 -31.90 -21.88 -15.30
C PRO B 412 -32.69 -22.18 -14.04
N ASP B 413 -32.24 -23.16 -13.25
CA ASP B 413 -32.91 -23.64 -12.06
C ASP B 413 -32.18 -23.30 -10.77
N VAL B 414 -30.85 -23.44 -10.73
CA VAL B 414 -30.05 -23.12 -9.56
C VAL B 414 -29.37 -21.78 -9.77
N GLY B 415 -29.65 -20.82 -8.91
CA GLY B 415 -28.99 -19.53 -8.96
C GLY B 415 -28.83 -18.96 -7.58
N TYR B 416 -27.77 -18.17 -7.39
CA TYR B 416 -27.57 -17.50 -6.11
C TYR B 416 -26.82 -16.20 -6.32
N GLU B 417 -27.09 -15.26 -5.42
CA GLU B 417 -26.43 -13.96 -5.38
C GLU B 417 -25.69 -13.84 -4.06
N ALA B 418 -24.70 -12.96 -4.02
CA ALA B 418 -23.85 -12.87 -2.86
C ALA B 418 -23.26 -11.48 -2.75
N ILE B 419 -22.90 -11.11 -1.54
CA ILE B 419 -22.38 -9.78 -1.25
C ILE B 419 -21.60 -9.85 0.06
N GLY B 420 -20.47 -9.14 0.08
CA GLY B 420 -19.65 -9.07 1.28
C GLY B 420 -18.60 -10.16 1.36
N LEU B 421 -18.23 -10.52 2.58
CA LEU B 421 -17.19 -11.52 2.82
C LEU B 421 -17.84 -12.89 2.87
N VAL B 422 -17.70 -13.65 1.78
CA VAL B 422 -18.31 -14.97 1.65
C VAL B 422 -17.16 -15.96 1.63
N ASP B 423 -17.03 -16.71 2.72
CA ASP B 423 -15.89 -17.60 2.92
C ASP B 423 -16.37 -18.75 3.78
N SER B 424 -16.23 -19.98 3.28
CA SER B 424 -16.74 -21.15 3.99
C SER B 424 -16.01 -21.40 5.31
N SER B 425 -14.85 -20.76 5.54
CA SER B 425 -14.16 -20.93 6.81
C SER B 425 -14.82 -20.18 7.95
N LEU B 426 -15.64 -19.17 7.65
CA LEU B 426 -16.32 -18.40 8.68
C LEU B 426 -17.53 -19.16 9.22
N PRO B 427 -17.97 -18.87 10.44
CA PRO B 427 -19.21 -19.45 10.94
C PRO B 427 -20.41 -18.94 10.15
N THR B 428 -21.31 -19.85 9.83
CA THR B 428 -22.46 -19.53 9.00
C THR B 428 -23.74 -20.02 9.66
N VAL B 429 -24.85 -19.33 9.37
CA VAL B 429 -26.18 -19.73 9.78
C VAL B 429 -27.08 -19.65 8.56
N GLY B 430 -27.68 -20.77 8.20
CA GLY B 430 -28.52 -20.82 7.02
C GLY B 430 -29.97 -21.06 7.37
N VAL B 431 -30.84 -20.16 6.92
CA VAL B 431 -32.28 -20.27 7.13
C VAL B 431 -32.88 -20.60 5.77
N PHE B 432 -33.43 -21.82 5.66
CA PHE B 432 -33.95 -22.32 4.39
C PHE B 432 -35.44 -22.62 4.51
N ALA B 433 -36.09 -22.64 3.34
CA ALA B 433 -37.52 -22.93 3.26
C ALA B 433 -37.77 -24.00 2.21
N GLY B 485 -34.37 -25.69 -1.25
CA GLY B 485 -35.00 -24.92 -2.31
C GLY B 485 -34.48 -23.50 -2.37
N LYS B 486 -34.80 -22.72 -1.34
CA LYS B 486 -34.35 -21.34 -1.25
C LYS B 486 -33.94 -21.06 0.18
N GLY B 487 -33.18 -20.00 0.36
CA GLY B 487 -32.74 -19.62 1.69
C GLY B 487 -31.67 -18.57 1.64
N VAL B 488 -31.24 -18.16 2.82
CA VAL B 488 -30.21 -17.16 3.00
C VAL B 488 -29.18 -17.70 3.97
N ILE B 489 -27.90 -17.48 3.66
CA ILE B 489 -26.80 -17.94 4.49
C ILE B 489 -26.06 -16.71 4.99
N PHE B 490 -26.04 -16.55 6.31
CA PHE B 490 -25.37 -15.43 6.94
C PHE B 490 -23.95 -15.82 7.33
N TYR B 491 -22.98 -15.02 6.91
CA TYR B 491 -21.58 -15.22 7.28
C TYR B 491 -21.26 -14.24 8.41
N LEU B 492 -20.88 -14.78 9.56
CA LEU B 492 -20.87 -14.03 10.81
C LEU B 492 -19.46 -13.84 11.34
N ARG B 493 -19.28 -12.76 12.09
CA ARG B 493 -18.03 -12.52 12.81
C ARG B 493 -18.42 -11.79 14.09
N ASP B 494 -18.58 -12.56 15.17
CA ASP B 494 -18.94 -12.01 16.48
C ASP B 494 -20.40 -11.56 16.49
N LYS B 495 -21.28 -12.39 15.94
CA LYS B 495 -22.71 -12.14 15.87
C LYS B 495 -23.07 -11.03 14.88
N VAL B 496 -22.11 -10.57 14.08
CA VAL B 496 -22.34 -9.53 13.08
C VAL B 496 -22.32 -10.19 11.71
N VAL B 497 -23.30 -9.82 10.88
CA VAL B 497 -23.35 -10.33 9.51
C VAL B 497 -22.35 -9.55 8.66
N VAL B 498 -21.35 -10.26 8.14
CA VAL B 498 -20.34 -9.66 7.27
C VAL B 498 -20.48 -10.12 5.83
N GLY B 499 -21.29 -11.14 5.56
CA GLY B 499 -21.50 -11.60 4.21
C GLY B 499 -22.80 -12.36 4.12
N ILE B 500 -23.42 -12.30 2.95
CA ILE B 500 -24.69 -12.97 2.71
C ILE B 500 -24.64 -13.68 1.36
N VAL B 501 -25.21 -14.88 1.33
CA VAL B 501 -25.47 -15.61 0.09
C VAL B 501 -26.98 -15.81 0.01
N LEU B 502 -27.58 -15.36 -1.09
CA LEU B 502 -28.99 -15.53 -1.33
C LEU B 502 -29.14 -16.71 -2.29
N TRP B 503 -29.71 -17.81 -1.79
CA TRP B 503 -29.83 -19.04 -2.56
C TRP B 503 -31.23 -19.09 -3.16
N ASN B 504 -31.31 -18.88 -4.48
CA ASN B 504 -32.59 -18.82 -5.19
C ASN B 504 -33.53 -17.79 -4.56
N ILE B 505 -32.95 -16.68 -4.11
CA ILE B 505 -33.70 -15.51 -3.65
C ILE B 505 -33.23 -14.33 -4.48
N PHE B 506 -34.14 -13.75 -5.25
CA PHE B 506 -33.81 -12.71 -6.19
C PHE B 506 -34.58 -11.44 -5.84
N ASN B 507 -34.07 -10.30 -6.32
CA ASN B 507 -34.67 -8.99 -6.08
C ASN B 507 -34.61 -8.57 -4.61
N ARG B 508 -33.59 -9.02 -3.88
CA ARG B 508 -33.43 -8.66 -2.47
C ARG B 508 -32.03 -8.20 -2.12
N MET B 509 -31.19 -7.89 -3.10
CA MET B 509 -29.81 -7.50 -2.83
C MET B 509 -29.72 -6.18 -2.06
N PRO B 510 -30.57 -5.19 -2.34
CA PRO B 510 -30.55 -3.99 -1.51
C PRO B 510 -30.78 -4.27 -0.03
N ILE B 511 -31.59 -5.27 0.30
CA ILE B 511 -31.84 -5.61 1.70
C ILE B 511 -30.59 -6.24 2.32
N ALA B 512 -29.97 -7.18 1.60
CA ALA B 512 -28.73 -7.79 2.09
C ALA B 512 -27.64 -6.73 2.23
N ARG B 513 -27.54 -5.81 1.27
CA ARG B 513 -26.52 -4.78 1.33
C ARG B 513 -26.70 -3.92 2.58
N LYS B 514 -27.95 -3.61 2.96
CA LYS B 514 -28.17 -2.77 4.13
C LYS B 514 -27.82 -3.52 5.42
N ILE B 515 -28.13 -4.81 5.49
CA ILE B 515 -27.82 -5.59 6.69
C ILE B 515 -26.34 -5.55 6.99
N ILE B 516 -25.50 -5.73 5.96
CA ILE B 516 -24.06 -5.70 6.18
C ILE B 516 -23.60 -4.30 6.57
N LYS B 517 -24.13 -3.28 5.91
CA LYS B 517 -23.68 -1.92 6.19
C LYS B 517 -24.01 -1.50 7.62
N ASP B 518 -25.23 -1.80 8.06
CA ASP B 518 -25.65 -1.40 9.41
C ASP B 518 -24.78 -2.05 10.48
N GLY B 519 -24.29 -3.26 10.22
CA GLY B 519 -23.37 -3.90 11.13
C GLY B 519 -23.91 -4.18 12.51
N GLU B 520 -25.20 -4.43 12.64
CA GLU B 520 -25.79 -4.74 13.94
C GLU B 520 -25.43 -6.16 14.36
N GLN B 521 -25.45 -6.39 15.67
CA GLN B 521 -25.30 -7.73 16.22
C GLN B 521 -26.69 -8.34 16.40
N HIS B 522 -27.02 -9.31 15.55
CA HIS B 522 -28.35 -9.92 15.56
C HIS B 522 -28.34 -11.15 16.44
N GLU B 523 -29.22 -11.16 17.45
CA GLU B 523 -29.33 -12.32 18.34
C GLU B 523 -30.20 -13.41 17.72
N ASP B 524 -31.12 -13.04 16.84
CA ASP B 524 -32.04 -13.97 16.19
C ASP B 524 -31.98 -13.71 14.69
N LEU B 525 -31.29 -14.59 13.97
CA LEU B 525 -31.19 -14.48 12.52
C LEU B 525 -32.44 -14.97 11.80
N ASN B 526 -33.29 -15.73 12.48
CA ASN B 526 -34.57 -16.11 11.87
C ASN B 526 -35.45 -14.89 11.64
N GLU B 527 -35.33 -13.87 12.48
CA GLU B 527 -36.07 -12.63 12.26
C GLU B 527 -35.48 -11.84 11.11
N VAL B 528 -34.17 -11.91 10.92
CA VAL B 528 -33.55 -11.26 9.77
C VAL B 528 -33.91 -11.99 8.48
N ALA B 529 -34.07 -13.31 8.53
CA ALA B 529 -34.44 -14.07 7.36
C ALA B 529 -35.81 -13.67 6.84
N LYS B 530 -36.68 -13.15 7.72
CA LYS B 530 -37.99 -12.69 7.27
C LYS B 530 -37.87 -11.52 6.31
N LEU B 531 -36.78 -10.75 6.40
CA LEU B 531 -36.55 -9.66 5.46
C LEU B 531 -36.34 -10.18 4.04
N PHE B 532 -36.05 -11.48 3.89
CA PHE B 532 -35.91 -12.11 2.59
C PHE B 532 -37.08 -13.05 2.28
N ASN B 533 -38.20 -12.86 2.97
CA ASN B 533 -39.40 -13.66 2.76
C ASN B 533 -39.19 -15.13 3.12
N ILE B 534 -38.36 -15.40 4.13
CA ILE B 534 -38.15 -16.74 4.64
C ILE B 534 -38.76 -16.78 6.04
N HIS B 535 -39.90 -17.46 6.16
CA HIS B 535 -40.61 -17.55 7.43
C HIS B 535 -40.71 -18.99 7.91
N LEU B 538 -39.47 -24.44 7.54
CA LEU B 538 -38.22 -23.72 7.79
C LEU B 538 -37.23 -24.59 8.57
N GLU B 539 -35.96 -24.54 8.17
CA GLU B 539 -34.90 -25.29 8.82
C GLU B 539 -33.66 -24.42 8.94
N VAL B 540 -33.01 -24.48 10.09
CA VAL B 540 -31.83 -23.66 10.37
C VAL B 540 -30.63 -24.59 10.52
N LEU B 541 -29.60 -24.34 9.71
CA LEU B 541 -28.37 -25.14 9.71
C LEU B 541 -27.22 -24.30 10.26
N PHE B 542 -26.25 -24.99 10.87
CA PHE B 542 -25.11 -24.35 11.51
C PHE B 542 -23.81 -24.98 11.04
N GLN B 543 -22.84 -24.14 10.72
CA GLN B 543 -21.51 -24.61 10.31
C GLN B 543 -20.48 -23.48 10.39
C10 QC6 C . 20.15 10.87 15.07
C11 QC6 C . 21.09 10.75 13.96
C01 QC6 C . 18.81 9.01 11.32
C02 QC6 C . 19.28 9.67 12.64
C04 QC6 C . 18.84 10.38 14.91
C05 QC6 C . 17.96 10.53 16.06
C07 QC6 C . 18.32 11.11 17.27
C08 QC6 C . 19.67 11.60 17.39
C09 QC6 C . 20.56 11.48 16.32
C13 QC6 C . 20.64 10.15 12.76
F06 QC6 C . 16.64 10.09 16.00
N03 QC6 C . 18.42 9.78 13.69
N12 QC6 C . 22.43 11.23 14.09
H012 QC6 C . 17.90 9.22 11.06
H013 QC6 C . 18.80 8.04 11.31
H011 QC6 C . 19.31 9.23 10.53
H071 QC6 C . 17.75 11.22 18.00
H081 QC6 C . 19.94 11.99 18.19
H091 QC6 C . 21.43 11.78 16.39
H131 QC6 C . 21.21 10.05 12.04
H121 QC6 C . 22.93 11.09 14.77
H122 QC6 C . 22.81 11.71 13.48
C1 EDO D . -1.12 3.31 -1.73
O1 EDO D . -2.05 3.56 -2.79
C2 EDO D . -0.34 4.59 -1.45
O2 EDO D . -1.28 5.64 -1.17
H11 EDO D . -0.43 2.50 -2.01
H12 EDO D . -1.66 3.00 -0.84
HO1 EDO D . -2.56 2.77 -2.97
H21 EDO D . 0.27 4.84 -2.33
H22 EDO D . 0.33 4.43 -0.60
HO2 EDO D . -0.81 6.48 -1.13
PA FAD E . 8.60 16.51 13.93
O1A FAD E . 9.92 17.28 13.88
O2A FAD E . 8.45 15.58 15.06
O5B FAD E . 7.43 17.54 13.88
C5B FAD E . 6.07 17.15 14.18
C4B FAD E . 5.43 18.31 14.90
O4B FAD E . 4.00 18.15 14.75
C3B FAD E . 5.69 18.21 16.40
O3B FAD E . 5.64 19.56 16.88
C2B FAD E . 4.41 17.55 16.92
O2B FAD E . 4.16 18.09 18.21
C1B FAD E . 3.40 18.25 16.01
N9A FAD E . 2.13 17.53 15.95
C8A FAD E . 1.94 16.18 15.97
N7A FAD E . 0.68 15.82 15.89
C5A FAD E . 0.00 17.03 15.80
C6A FAD E . -1.37 17.35 15.69
N6A FAD E . -2.34 16.43 15.65
N1A FAD E . -1.71 18.65 15.63
C2A FAD E . -0.74 19.57 15.67
N3A FAD E . 0.58 19.39 15.78
C4A FAD E . 0.89 18.09 15.84
N1 FAD E . 18.14 13.18 11.99
C2 FAD E . 19.26 13.18 11.28
O2 FAD E . 19.28 12.87 10.12
N3 FAD E . 20.51 13.54 11.85
C4 FAD E . 20.60 13.89 13.18
O4 FAD E . 21.69 14.19 13.64
C4X FAD E . 19.37 13.89 13.96
N5 FAD E . 19.44 14.23 15.22
C5X FAD E . 18.25 14.21 15.92
C6 FAD E . 18.25 14.58 17.36
C7 FAD E . 17.10 14.58 18.10
C7M FAD E . 17.15 14.97 19.57
C8 FAD E . 15.84 14.22 17.52
C8M FAD E . 14.55 14.21 18.32
C9 FAD E . 15.77 13.87 16.17
C9A FAD E . 17.00 13.86 15.33
N10 FAD E . 17.02 13.51 13.95
C10 FAD E . 18.16 13.51 13.26
C1' FAD E . 15.75 13.13 13.31
C2' FAD E . 15.01 14.39 12.75
O2' FAD E . 14.97 15.39 13.77
C3' FAD E . 13.58 13.99 12.40
O3' FAD E . 13.67 13.15 11.24
C4' FAD E . 12.74 15.21 12.02
O4' FAD E . 12.57 16.11 13.13
C5' FAD E . 11.39 14.73 11.52
O5' FAD E . 10.54 15.97 11.06
P FAD E . 9.02 15.97 11.05
O1P FAD E . 8.63 14.73 10.24
O2P FAD E . 8.49 17.26 10.53
O3P FAD E . 8.47 15.75 12.53
H51A FAD E . 6.02 16.32 14.68
H52A FAD E . 5.57 16.86 13.40
H4B FAD E . 5.70 19.17 14.55
H3B FAD E . 6.49 17.70 16.61
HO3A FAD E . 6.33 20.00 16.68
H2B FAD E . 4.42 16.58 16.86
HO2A FAD E . 3.97 17.48 18.77
H1B FAD E . 3.25 19.17 16.28
H8A FAD E . 2.63 15.56 16.05
H61A FAD E . -2.59 15.81 16.24
H62A FAD E . -2.83 16.44 14.90
H2A FAD E . -1.03 20.46 15.63
HN3 FAD E . 21.23 13.54 11.38
H6 FAD E . 19.04 14.82 17.79
HM71 FAD E . 16.33 15.02 20.08
HM72 FAD E . 17.65 14.43 20.20
HM73 FAD E . 17.51 15.83 19.83
HM81 FAD E . 14.51 13.82 19.20
HM82 FAD E . 13.75 13.77 17.99
HM83 FAD E . 14.11 15.03 18.57
H9 FAD E . 14.95 13.63 15.78
H1'1 FAD E . 15.18 12.63 13.92
H1'2 FAD E . 15.87 12.47 12.63
H2' FAD E . 15.47 14.72 11.97
HO2' FAD E . 15.29 16.10 13.45
H3' FAD E . 13.17 13.56 13.16
H4' FAD E . 13.20 15.72 11.33
HO4' FAD E . 11.82 15.97 13.51
H5'1 FAD E . 10.93 14.18 12.17
H5'2 FAD E . 11.49 14.07 10.81
S SO4 F . 9.34 -3.20 25.21
O1 SO4 F . 8.45 -2.19 24.60
O2 SO4 F . 8.56 -4.39 25.52
O3 SO4 F . 9.91 -2.66 26.44
O4 SO4 F . 10.41 -3.53 24.27
S SO4 G . 17.49 5.58 17.33
O1 SO4 G . 16.83 4.44 17.96
O2 SO4 G . 16.54 6.28 16.47
O3 SO4 G . 18.61 5.11 16.51
O4 SO4 G . 17.98 6.49 18.36
S SO4 H . 38.60 16.30 0.24
O1 SO4 H . 38.83 16.68 1.62
O2 SO4 H . 37.16 16.29 -0.02
O3 SO4 H . 39.24 17.26 -0.65
O4 SO4 H . 39.14 14.96 0.00
C10 QC6 I . -17.93 -16.29 -12.34
C11 QC6 I . -19.09 -15.97 -11.49
C01 QC6 I . -17.45 -13.43 -9.00
C02 QC6 I . -17.64 -14.45 -10.18
C04 QC6 I . -16.69 -15.67 -12.04
C05 QC6 I . -15.58 -16.03 -12.92
C07 QC6 I . -15.65 -16.91 -13.98
C08 QC6 I . -16.92 -17.53 -14.24
C09 QC6 I . -18.03 -17.23 -13.45
C13 QC6 I . -18.92 -15.06 -10.43
F06 QC6 I . -14.32 -15.44 -12.69
N03 QC6 I . -16.56 -14.75 -10.97
N12 QC6 I . -20.36 -16.57 -11.74
H012 QC6 I . -17.35 -12.50 -9.25
H013 QC6 I . -16.69 -13.59 -8.43
H011 QC6 I . -18.19 -13.40 -8.37
H071 QC6 I . -14.93 -17.14 -14.53
H081 QC6 I . -17.00 -18.13 -14.95
H091 QC6 I . -18.86 -17.63 -13.62
H131 QC6 I . -19.63 -14.83 -9.88
H121 QC6 I . -21.07 -16.13 -11.96
H122 QC6 I . -20.50 -17.41 -11.68
PA FAD J . -11.36 -7.59 -18.43
O1A FAD J . -10.41 -8.78 -18.31
O2A FAD J . -12.77 -7.89 -18.74
O5B FAD J . -10.80 -6.59 -19.50
C5B FAD J . -9.39 -6.37 -19.67
C4B FAD J . -9.16 -6.14 -21.13
O4B FAD J . -7.89 -5.47 -21.26
C3B FAD J . -9.00 -7.47 -21.86
O3B FAD J . -9.43 -7.21 -23.20
C2B FAD J . -7.48 -7.62 -21.93
O2B FAD J . -7.19 -8.30 -23.15
C1B FAD J . -7.10 -6.18 -22.20
N9A FAD J . -5.71 -5.89 -21.90
C8A FAD J . -4.94 -6.44 -20.90
N7A FAD J . -3.70 -5.98 -20.87
C5A FAD J . -3.67 -5.08 -21.92
C6A FAD J . -2.65 -4.24 -22.43
N6A FAD J . -1.40 -4.19 -21.93
N1A FAD J . -2.94 -3.47 -23.48
C2A FAD J . -4.17 -3.51 -24.00
N3A FAD J . -5.21 -4.25 -23.61
C4A FAD J . -4.89 -5.02 -22.56
N1 FAD J . -18.41 -12.00 -12.62
C2 FAD J . -19.57 -11.98 -11.98
O2 FAD J . -19.78 -11.21 -11.08
N3 FAD J . -20.63 -12.84 -12.32
C4 FAD J . -20.51 -13.76 -13.34
O4 FAD J . -21.44 -14.49 -13.62
C4X FAD J . -19.23 -13.80 -14.04
N5 FAD J . -19.08 -14.67 -15.01
C5X FAD J . -17.87 -14.66 -15.64
C6 FAD J . -17.65 -15.62 -16.75
C7 FAD J . -16.46 -15.68 -17.43
C7M FAD J . -16.28 -16.68 -18.55
C8 FAD J . -15.36 -14.80 -17.08
C8M FAD J . -14.05 -14.85 -17.81
C9 FAD J . -15.52 -13.87 -16.05
C9A FAD J . -16.80 -13.79 -15.30
N10 FAD J . -17.04 -12.88 -14.23
C10 FAD J . -18.22 -12.86 -13.60
C1' FAD J . -15.96 -11.94 -13.85
C2' FAD J . -16.11 -10.57 -14.56
O2' FAD J . -16.49 -10.79 -15.92
C3' FAD J . -14.76 -9.89 -14.51
O3' FAD J . -14.58 -9.46 -13.17
C4' FAD J . -14.73 -8.64 -15.41
O4' FAD J . -14.67 -8.99 -16.79
C5' FAD J . -13.52 -7.81 -15.03
O5' FAD J . -13.49 -6.51 -15.90
P FAD J . -12.19 -5.80 -16.25
O1P FAD J . -11.51 -5.54 -14.90
O2P FAD J . -12.44 -4.59 -17.06
O3P FAD J . -11.26 -6.79 -17.07
H51A FAD J . -8.85 -7.09 -19.31
H52A FAD J . -9.04 -5.66 -19.10
H4B FAD J . -9.85 -5.58 -21.54
H3B FAD J . -9.43 -8.21 -21.40
HO3A FAD J . -9.42 -6.39 -23.39
H2B FAD J . -7.09 -8.00 -21.13
HO2A FAD J . -7.69 -8.05 -23.78
H1B FAD J . -7.30 -5.91 -23.11
H8A FAD J . -5.25 -7.07 -20.30
H61A FAD J . -0.61 -4.39 -22.29
H62A FAD J . -1.36 -3.92 -21.08
H2A FAD J . -4.32 -2.95 -24.73
HN3 FAD J . -21.38 -12.81 -11.89
H6 FAD J . -18.32 -16.21 -17.01
HM71 FAD J . -15.51 -16.63 -19.13
HM72 FAD J . -16.21 -17.62 -18.36
HM73 FAD J . -16.95 -16.76 -19.25
HM81 FAD J . -14.01 -14.98 -18.77
HM82 FAD J . -13.36 -15.50 -17.60
HM83 FAD J . -13.44 -14.09 -17.81
H9 FAD J . -14.81 -13.30 -15.83
H1'1 FAD J . -15.09 -12.33 -14.01
H1'2 FAD J . -15.91 -11.84 -12.88
H2' FAD J . -16.79 -10.03 -14.14
HO2' FAD J . -15.79 -10.99 -16.36
H3' FAD J . -14.07 -10.49 -14.81
HO3' FAD J . -14.18 -10.08 -12.74
H4' FAD J . -15.55 -8.13 -15.29
HO4' FAD J . -14.34 -8.37 -17.26
H5'1 FAD J . -12.70 -8.31 -15.09
H5'2 FAD J . -13.50 -7.61 -14.07
S SO4 K . -13.04 -19.31 -9.69
O1 SO4 K . -14.13 -19.46 -8.72
O2 SO4 K . -12.75 -17.89 -9.88
O3 SO4 K . -13.43 -19.89 -10.98
O4 SO4 K . -11.85 -20.00 -9.19
S SO4 L . -0.12 -25.35 -9.07
O1 SO4 L . -1.00 -25.12 -7.93
O2 SO4 L . -0.32 -26.70 -9.57
O3 SO4 L . -0.42 -24.38 -10.12
O4 SO4 L . 1.27 -25.18 -8.65
#